data_6ZNS
#
_entry.id   6ZNS
#
_cell.length_a   191.943
_cell.length_b   191.943
_cell.length_c   65.892
_cell.angle_alpha   90.000
_cell.angle_beta   90.000
_cell.angle_gamma   120.000
#
_symmetry.space_group_name_H-M   'H 3'
#
loop_
_entity.id
_entity.type
_entity.pdbx_description
1 polymer 'Uncharacterized ATP-dependent helicase YprA'
2 non-polymer 'ZINC ION'
#
_entity_poly.entity_id   1
_entity_poly.type   'polypeptide(L)'
_entity_poly.pdbx_seq_one_letter_code
;GAMKKKSLTELISDLKGNENVVNWHEIEPREAKTRPMPESIDERIKAALSKRGIDELYTHQYSAFQYVQKGESIVTVTPT
ASGKTLCYNLPVLQSIAQDETNRALYLFPTKALAQDQKSELNEIIDEMGIDIKSFTYDGDTSPAIRQKVRKAGHIVITNP
DMLHSAILPHHTKWVSLFENLKYIVIDELHTYRGVFGSHVANVIRRLKRICRFYGSDPVFICTSATIANPKELGEQLTGK
PMRLVDDNGAPSGRKHFVFYNPPIVNKPLNIRRSATAEVNELAKEFLKNKVQTIVFARSRVRVEIILSHIQELVKKEIGT
KSIRGYRGGYLPKERREIERGLREGDILGVVSTNALELGVDIGQLQVCVMTGYPGSVASAWQQAGRAGRRHGESLIIMVA
NSTPIDQYIVRHPEYFFNRSPESARINPENLIILVDHLKCAAYELPFRADEEFGAMEVSDILEYLQEEAVLHRNGERYHW
ASESFPASNISLRSASQENVVIVDQSDIANVRIIGEMDRFSAMTLLHDEAIYLHEGVQYQVEKLDWDHKKAYVRKVDVEY
YTDANLAVQLKVLEIDKTKEKSRTSLHYGDVTVNALPTIFKKIKMTTFENIGSGPIHLPEEELHTSAAWLEIKTADEDIG
EKTLEQLLLGISNVLQHIVPVYIMCDRNDVHVVSQIKAAHTGLPTIFLYDHYPGGIGLAEEVFKRFSDINEAAKQLITHC
PCHDGCPSCIGTEIEGIKAKERILQLLDQMS
;
_entity_poly.pdbx_strand_id   A
#
# COMPACT_ATOMS: atom_id res chain seq x y z
N MET A 37 -38.62 0.18 6.35
CA MET A 37 -37.64 0.11 5.28
C MET A 37 -38.26 0.55 3.96
N PRO A 38 -37.59 1.47 3.26
CA PRO A 38 -38.13 1.95 1.97
C PRO A 38 -38.14 0.84 0.94
N GLU A 39 -39.23 0.79 0.17
CA GLU A 39 -39.43 -0.23 -0.86
C GLU A 39 -38.68 0.07 -2.15
N SER A 40 -37.77 1.04 -2.14
CA SER A 40 -36.97 1.32 -3.33
C SER A 40 -35.96 0.21 -3.60
N ILE A 41 -35.49 -0.46 -2.54
CA ILE A 41 -34.55 -1.56 -2.71
C ILE A 41 -35.29 -2.79 -3.24
N ASP A 42 -34.61 -3.56 -4.08
CA ASP A 42 -35.22 -4.72 -4.70
C ASP A 42 -35.60 -5.76 -3.64
N GLU A 43 -36.83 -6.26 -3.72
CA GLU A 43 -37.32 -7.20 -2.72
C GLU A 43 -36.59 -8.52 -2.78
N ARG A 44 -36.08 -8.90 -3.94
CA ARG A 44 -35.21 -10.09 -4.02
C ARG A 44 -34.01 -9.94 -3.10
N ILE A 45 -33.32 -8.80 -3.19
CA ILE A 45 -32.18 -8.53 -2.33
C ILE A 45 -32.62 -8.44 -0.86
N LYS A 46 -33.78 -7.82 -0.62
CA LYS A 46 -34.28 -7.69 0.75
C LYS A 46 -34.48 -9.06 1.38
N ALA A 47 -35.14 -9.98 0.66
CA ALA A 47 -35.37 -11.31 1.20
C ALA A 47 -34.08 -12.10 1.33
N ALA A 48 -33.17 -11.95 0.37
CA ALA A 48 -31.90 -12.67 0.45
C ALA A 48 -31.07 -12.22 1.65
N LEU A 49 -31.13 -10.93 1.97
CA LEU A 49 -30.43 -10.44 3.17
C LEU A 49 -31.19 -10.78 4.45
N SER A 50 -32.51 -10.90 4.37
CA SER A 50 -33.29 -11.32 5.53
C SER A 50 -33.10 -12.80 5.85
N LYS A 51 -32.70 -13.61 4.88
CA LYS A 51 -32.39 -15.01 5.15
C LYS A 51 -31.27 -15.12 6.17
N ARG A 52 -30.11 -14.55 5.86
CA ARG A 52 -29.00 -14.57 6.81
C ARG A 52 -29.32 -13.74 8.05
N GLY A 53 -30.15 -12.71 7.91
CA GLY A 53 -30.67 -11.96 9.04
C GLY A 53 -30.06 -10.60 9.26
N ILE A 54 -29.16 -10.14 8.40
CA ILE A 54 -28.51 -8.85 8.60
C ILE A 54 -29.32 -7.76 7.89
N ASP A 55 -30.52 -7.50 8.40
CA ASP A 55 -31.40 -6.49 7.84
C ASP A 55 -31.42 -5.21 8.67
N GLU A 56 -30.45 -5.03 9.55
CA GLU A 56 -30.43 -3.84 10.40
C GLU A 56 -30.14 -2.59 9.59
N LEU A 57 -30.90 -1.53 9.83
CA LEU A 57 -30.60 -0.23 9.23
C LEU A 57 -29.31 0.30 9.84
N TYR A 58 -28.17 0.03 9.20
CA TYR A 58 -26.87 0.39 9.73
C TYR A 58 -26.43 1.75 9.19
N THR A 59 -25.55 2.41 9.94
CA THR A 59 -25.17 3.79 9.70
C THR A 59 -24.34 3.97 8.43
N HIS A 60 -23.10 3.44 8.45
CA HIS A 60 -22.19 3.70 7.34
C HIS A 60 -22.67 3.07 6.04
N GLN A 61 -23.33 1.90 6.11
CA GLN A 61 -23.88 1.31 4.91
C GLN A 61 -24.97 2.19 4.32
N TYR A 62 -25.81 2.78 5.17
CA TYR A 62 -26.83 3.72 4.72
C TYR A 62 -26.19 4.93 4.04
N SER A 63 -25.23 5.56 4.72
CA SER A 63 -24.60 6.76 4.18
C SER A 63 -23.82 6.47 2.91
N ALA A 64 -23.34 5.23 2.75
CA ALA A 64 -22.65 4.86 1.52
C ALA A 64 -23.64 4.64 0.38
N PHE A 65 -24.67 3.82 0.61
CA PHE A 65 -25.60 3.47 -0.46
C PHE A 65 -26.36 4.69 -0.95
N GLN A 66 -26.81 5.55 -0.04
CA GLN A 66 -27.62 6.69 -0.47
C GLN A 66 -26.84 7.61 -1.40
N TYR A 67 -25.65 8.02 -0.98
CA TYR A 67 -24.86 8.97 -1.76
C TYR A 67 -24.01 8.30 -2.84
N VAL A 68 -24.05 6.98 -2.95
CA VAL A 68 -23.54 6.33 -4.16
C VAL A 68 -24.62 6.24 -5.22
N GLN A 69 -25.85 5.90 -4.81
CA GLN A 69 -26.97 5.98 -5.73
C GLN A 69 -27.19 7.42 -6.21
N LYS A 70 -26.93 8.40 -5.35
CA LYS A 70 -26.99 9.79 -5.77
C LYS A 70 -25.96 10.10 -6.84
N GLY A 71 -24.81 9.43 -6.81
CA GLY A 71 -23.77 9.61 -7.81
C GLY A 71 -22.46 10.15 -7.28
N GLU A 72 -22.30 10.32 -5.96
CA GLU A 72 -21.08 10.85 -5.39
C GLU A 72 -20.16 9.71 -4.99
N SER A 73 -18.90 9.80 -5.38
CA SER A 73 -17.91 8.80 -4.98
C SER A 73 -17.73 8.83 -3.47
N ILE A 74 -17.33 7.70 -2.90
CA ILE A 74 -17.19 7.56 -1.46
C ILE A 74 -15.88 6.86 -1.13
N VAL A 75 -15.34 7.19 0.05
CA VAL A 75 -14.24 6.46 0.66
C VAL A 75 -14.63 6.13 2.09
N THR A 76 -14.43 4.88 2.48
CA THR A 76 -14.85 4.42 3.80
C THR A 76 -13.67 3.88 4.58
N VAL A 77 -13.75 4.05 5.90
CA VAL A 77 -12.76 3.52 6.83
C VAL A 77 -13.38 2.51 7.80
N THR A 78 -14.50 1.92 7.42
CA THR A 78 -15.15 0.95 8.29
C THR A 78 -14.31 -0.32 8.37
N PRO A 79 -14.25 -0.97 9.55
CA PRO A 79 -13.41 -2.17 9.67
C PRO A 79 -14.04 -3.39 9.01
N THR A 80 -13.34 -4.52 9.06
CA THR A 80 -13.88 -5.74 8.48
C THR A 80 -15.09 -6.23 9.26
N ALA A 81 -15.05 -6.12 10.59
CA ALA A 81 -16.15 -6.59 11.43
C ALA A 81 -17.43 -5.79 11.22
N SER A 82 -17.34 -4.55 10.75
CA SER A 82 -18.50 -3.68 10.58
C SER A 82 -18.65 -3.35 9.09
N GLY A 83 -19.62 -3.97 8.45
CA GLY A 83 -19.93 -3.67 7.05
C GLY A 83 -19.18 -4.47 6.00
N LYS A 84 -17.85 -4.56 6.15
CA LYS A 84 -16.94 -5.22 5.22
C LYS A 84 -17.34 -5.06 3.76
N THR A 85 -17.44 -6.17 3.03
CA THR A 85 -17.68 -6.12 1.59
C THR A 85 -19.09 -5.65 1.24
N LEU A 86 -20.03 -5.72 2.18
CA LEU A 86 -21.42 -5.40 1.88
C LEU A 86 -21.59 -3.94 1.45
N CYS A 87 -20.79 -3.02 2.04
CA CYS A 87 -20.98 -1.61 1.78
C CYS A 87 -20.78 -1.27 0.30
N TYR A 88 -19.88 -1.97 -0.38
CA TYR A 88 -19.72 -1.78 -1.83
C TYR A 88 -20.44 -2.84 -2.64
N ASN A 89 -20.84 -3.96 -2.04
CA ASN A 89 -21.59 -4.96 -2.78
C ASN A 89 -23.02 -4.49 -3.04
N LEU A 90 -23.70 -4.00 -2.00
CA LEU A 90 -25.13 -3.72 -2.09
C LEU A 90 -25.49 -2.74 -3.21
N PRO A 91 -24.86 -1.57 -3.35
CA PRO A 91 -25.22 -0.71 -4.49
C PRO A 91 -24.91 -1.35 -5.83
N VAL A 92 -23.78 -2.06 -5.91
CA VAL A 92 -23.40 -2.73 -7.15
C VAL A 92 -24.46 -3.73 -7.56
N LEU A 93 -24.79 -4.66 -6.66
CA LEU A 93 -25.77 -5.69 -7.01
C LEU A 93 -27.17 -5.10 -7.21
N GLN A 94 -27.49 -4.00 -6.53
CA GLN A 94 -28.75 -3.33 -6.78
C GLN A 94 -28.82 -2.81 -8.21
N SER A 95 -27.76 -2.13 -8.66
CA SER A 95 -27.72 -1.64 -10.03
C SER A 95 -27.70 -2.79 -11.04
N ILE A 96 -27.07 -3.91 -10.68
CA ILE A 96 -27.05 -5.06 -11.58
C ILE A 96 -28.45 -5.65 -11.72
N ALA A 97 -29.18 -5.75 -10.60
CA ALA A 97 -30.50 -6.34 -10.62
C ALA A 97 -31.52 -5.43 -11.29
N GLN A 98 -31.34 -4.11 -11.18
CA GLN A 98 -32.27 -3.19 -11.82
C GLN A 98 -32.19 -3.31 -13.34
N ASP A 99 -31.05 -2.95 -13.91
CA ASP A 99 -30.80 -3.09 -15.34
C ASP A 99 -29.82 -4.24 -15.55
N GLU A 100 -30.22 -5.23 -16.34
CA GLU A 100 -29.36 -6.38 -16.59
C GLU A 100 -28.08 -5.98 -17.30
N THR A 101 -28.12 -4.92 -18.11
CA THR A 101 -26.95 -4.47 -18.85
C THR A 101 -26.17 -3.46 -18.00
N ASN A 102 -25.62 -3.98 -16.90
CA ASN A 102 -24.76 -3.21 -16.02
C ASN A 102 -23.54 -4.06 -15.65
N ARG A 103 -22.39 -3.41 -15.54
CA ARG A 103 -21.13 -4.10 -15.25
C ARG A 103 -20.42 -3.39 -14.10
N ALA A 104 -19.66 -4.18 -13.33
CA ALA A 104 -18.88 -3.66 -12.22
C ALA A 104 -17.44 -4.16 -12.35
N LEU A 105 -16.51 -3.32 -11.90
CA LEU A 105 -15.08 -3.59 -12.02
C LEU A 105 -14.42 -3.39 -10.67
N TYR A 106 -13.76 -4.43 -10.16
CA TYR A 106 -13.19 -4.41 -8.82
C TYR A 106 -11.66 -4.42 -8.90
N LEU A 107 -11.03 -3.73 -7.94
CA LEU A 107 -9.58 -3.65 -7.84
C LEU A 107 -9.15 -4.33 -6.53
N PHE A 108 -8.77 -5.59 -6.61
CA PHE A 108 -8.26 -6.31 -5.45
C PHE A 108 -6.80 -6.69 -5.68
N PRO A 109 -5.96 -6.60 -4.64
CA PRO A 109 -4.51 -6.67 -4.86
C PRO A 109 -4.02 -7.97 -5.49
N THR A 110 -4.53 -9.12 -5.09
CA THR A 110 -3.97 -10.40 -5.51
C THR A 110 -5.05 -11.33 -6.06
N LYS A 111 -4.60 -12.37 -6.74
CA LYS A 111 -5.52 -13.36 -7.29
C LYS A 111 -6.24 -14.13 -6.20
N ALA A 112 -5.57 -14.39 -5.07
CA ALA A 112 -6.21 -15.07 -3.96
C ALA A 112 -7.37 -14.25 -3.41
N LEU A 113 -7.14 -12.96 -3.19
CA LEU A 113 -8.22 -12.08 -2.75
C LEU A 113 -9.30 -11.95 -3.81
N ALA A 114 -8.92 -11.99 -5.09
CA ALA A 114 -9.92 -11.97 -6.16
C ALA A 114 -10.84 -13.17 -6.05
N GLN A 115 -10.27 -14.38 -5.92
CA GLN A 115 -11.09 -15.58 -5.77
C GLN A 115 -11.93 -15.53 -4.50
N ASP A 116 -11.35 -14.99 -3.41
CA ASP A 116 -12.08 -14.90 -2.15
C ASP A 116 -13.32 -14.01 -2.30
N GLN A 117 -13.15 -12.81 -2.86
CA GLN A 117 -14.28 -11.92 -3.05
C GLN A 117 -15.29 -12.51 -4.04
N LYS A 118 -14.78 -13.18 -5.09
CA LYS A 118 -15.67 -13.81 -6.06
C LYS A 118 -16.56 -14.84 -5.39
N SER A 119 -15.99 -15.71 -4.56
CA SER A 119 -16.79 -16.72 -3.87
C SER A 119 -17.75 -16.07 -2.87
N GLU A 120 -17.27 -15.06 -2.14
CA GLU A 120 -18.12 -14.40 -1.15
C GLU A 120 -19.35 -13.77 -1.81
N LEU A 121 -19.18 -13.15 -2.98
CA LEU A 121 -20.32 -12.54 -3.65
C LEU A 121 -21.13 -13.57 -4.43
N ASN A 122 -20.51 -14.67 -4.87
CA ASN A 122 -21.27 -15.73 -5.52
C ASN A 122 -22.21 -16.42 -4.54
N GLU A 123 -21.81 -16.50 -3.28
CA GLU A 123 -22.74 -17.00 -2.26
C GLU A 123 -23.98 -16.12 -2.18
N ILE A 124 -23.80 -14.80 -2.19
CA ILE A 124 -24.94 -13.89 -2.09
C ILE A 124 -25.77 -13.92 -3.38
N ILE A 125 -25.12 -14.11 -4.53
CA ILE A 125 -25.87 -14.28 -5.78
C ILE A 125 -26.70 -15.56 -5.72
N ASP A 126 -26.14 -16.62 -5.14
CA ASP A 126 -26.87 -17.86 -4.97
C ASP A 126 -28.09 -17.66 -4.07
N GLU A 127 -27.90 -16.96 -2.95
CA GLU A 127 -29.03 -16.70 -2.05
C GLU A 127 -30.05 -15.77 -2.70
N MET A 128 -29.61 -14.90 -3.62
CA MET A 128 -30.54 -14.02 -4.31
C MET A 128 -31.30 -14.73 -5.41
N GLY A 129 -30.63 -15.61 -6.14
CA GLY A 129 -31.26 -16.37 -7.21
C GLY A 129 -31.27 -15.70 -8.55
N ILE A 130 -30.79 -14.46 -8.66
CA ILE A 130 -30.80 -13.74 -9.92
C ILE A 130 -29.67 -14.26 -10.81
N ASP A 131 -29.96 -14.43 -12.10
CA ASP A 131 -28.98 -14.89 -13.08
C ASP A 131 -27.93 -13.80 -13.27
N ILE A 132 -26.95 -13.79 -12.36
CA ILE A 132 -25.84 -12.85 -12.41
C ILE A 132 -24.54 -13.64 -12.42
N LYS A 133 -23.70 -13.39 -13.42
CA LYS A 133 -22.43 -14.06 -13.57
C LYS A 133 -21.31 -13.10 -13.25
N SER A 134 -20.56 -13.38 -12.18
CA SER A 134 -19.47 -12.53 -11.73
C SER A 134 -18.23 -13.37 -11.55
N PHE A 135 -17.12 -12.94 -12.15
CA PHE A 135 -15.91 -13.74 -12.21
C PHE A 135 -14.69 -12.88 -11.94
N THR A 136 -13.52 -13.52 -11.91
CA THR A 136 -12.24 -12.85 -11.83
C THR A 136 -11.54 -12.97 -13.17
N TYR A 137 -10.82 -11.91 -13.56
CA TYR A 137 -10.09 -11.88 -14.83
C TYR A 137 -8.63 -11.58 -14.51
N ASP A 138 -7.91 -12.61 -14.05
CA ASP A 138 -6.51 -12.44 -13.70
C ASP A 138 -5.63 -13.45 -14.44
N GLY A 139 -4.38 -13.58 -14.01
CA GLY A 139 -3.43 -14.41 -14.74
C GLY A 139 -3.74 -15.89 -14.71
N ASP A 140 -4.45 -16.36 -13.69
CA ASP A 140 -4.75 -17.78 -13.54
C ASP A 140 -6.26 -18.00 -13.72
N THR A 141 -6.75 -17.75 -14.93
CA THR A 141 -8.11 -18.14 -15.31
C THR A 141 -8.05 -18.96 -16.58
N SER A 142 -8.98 -19.90 -16.70
CA SER A 142 -8.99 -20.79 -17.85
C SER A 142 -9.27 -19.99 -19.12
N PRO A 143 -8.44 -20.14 -20.17
CA PRO A 143 -8.68 -19.37 -21.40
C PRO A 143 -10.00 -19.69 -22.07
N ALA A 144 -10.58 -20.86 -21.83
CA ALA A 144 -11.84 -21.21 -22.46
C ALA A 144 -12.99 -20.34 -21.97
N ILE A 145 -12.85 -19.70 -20.81
CA ILE A 145 -13.90 -18.86 -20.24
C ILE A 145 -13.52 -17.40 -20.19
N ARG A 146 -12.33 -17.03 -20.68
CA ARG A 146 -11.94 -15.63 -20.68
C ARG A 146 -12.76 -14.84 -21.70
N GLN A 147 -12.88 -15.36 -22.92
CA GLN A 147 -13.78 -14.72 -23.89
C GLN A 147 -15.21 -14.69 -23.36
N LYS A 148 -15.60 -15.73 -22.62
CA LYS A 148 -16.94 -15.78 -22.05
C LYS A 148 -17.18 -14.64 -21.07
N VAL A 149 -16.31 -14.53 -20.06
CA VAL A 149 -16.46 -13.48 -19.06
C VAL A 149 -16.30 -12.11 -19.70
N ARG A 150 -15.59 -12.02 -20.83
CA ARG A 150 -15.57 -10.77 -21.57
C ARG A 150 -16.92 -10.48 -22.22
N LYS A 151 -17.64 -11.53 -22.62
CA LYS A 151 -18.91 -11.32 -23.31
C LYS A 151 -20.13 -11.32 -22.40
N ALA A 152 -20.05 -11.90 -21.20
CA ALA A 152 -21.24 -12.07 -20.38
C ALA A 152 -21.05 -11.82 -18.89
N GLY A 153 -19.83 -11.67 -18.39
CA GLY A 153 -19.64 -11.49 -16.97
C GLY A 153 -20.13 -10.13 -16.51
N HIS A 154 -20.94 -10.12 -15.45
CA HIS A 154 -21.43 -8.85 -14.89
C HIS A 154 -20.33 -8.14 -14.10
N ILE A 155 -19.84 -8.77 -13.05
CA ILE A 155 -18.80 -8.19 -12.19
C ILE A 155 -17.48 -8.86 -12.54
N VAL A 156 -16.42 -8.05 -12.67
CA VAL A 156 -15.10 -8.53 -13.05
C VAL A 156 -14.12 -8.09 -11.97
N ILE A 157 -13.44 -9.07 -11.37
CA ILE A 157 -12.41 -8.81 -10.37
C ILE A 157 -11.04 -9.01 -11.01
N THR A 158 -10.13 -8.06 -10.79
CA THR A 158 -8.82 -8.09 -11.41
C THR A 158 -7.87 -7.18 -10.66
N ASN A 159 -6.64 -7.65 -10.44
CA ASN A 159 -5.61 -6.85 -9.81
C ASN A 159 -5.08 -5.80 -10.77
N PRO A 160 -4.54 -4.69 -10.26
CA PRO A 160 -4.13 -3.57 -11.13
C PRO A 160 -3.10 -3.95 -12.19
N ASP A 161 -2.18 -4.86 -11.88
CA ASP A 161 -1.16 -5.24 -12.86
C ASP A 161 -1.79 -5.87 -14.09
N MET A 162 -2.57 -6.94 -13.89
CA MET A 162 -3.24 -7.61 -15.01
C MET A 162 -4.18 -6.65 -15.75
N LEU A 163 -4.91 -5.83 -15.00
CA LEU A 163 -5.80 -4.84 -15.58
C LEU A 163 -5.05 -3.96 -16.55
N HIS A 164 -4.09 -3.18 -16.04
CA HIS A 164 -3.31 -2.27 -16.87
C HIS A 164 -2.65 -2.98 -18.03
N SER A 165 -2.17 -4.21 -17.82
CA SER A 165 -1.36 -4.85 -18.85
C SER A 165 -2.22 -5.42 -19.98
N ALA A 166 -3.41 -5.92 -19.68
CA ALA A 166 -4.19 -6.65 -20.68
C ALA A 166 -5.55 -6.05 -20.96
N ILE A 167 -6.31 -5.67 -19.94
CA ILE A 167 -7.71 -5.32 -20.15
C ILE A 167 -7.82 -3.99 -20.88
N LEU A 168 -7.19 -2.95 -20.35
CA LEU A 168 -7.28 -1.63 -20.97
C LEU A 168 -6.65 -1.58 -22.36
N PRO A 169 -5.49 -2.18 -22.63
CA PRO A 169 -4.97 -2.15 -24.01
C PRO A 169 -5.87 -2.82 -25.03
N HIS A 170 -6.69 -3.78 -24.59
CA HIS A 170 -7.59 -4.51 -25.47
C HIS A 170 -9.04 -4.23 -25.11
N HIS A 171 -9.32 -2.98 -24.75
CA HIS A 171 -10.65 -2.58 -24.32
C HIS A 171 -11.71 -2.83 -25.39
N THR A 172 -11.30 -3.00 -26.65
CA THR A 172 -12.22 -3.41 -27.70
C THR A 172 -12.95 -4.68 -27.31
N LYS A 173 -12.19 -5.71 -26.93
CA LYS A 173 -12.75 -7.00 -26.53
C LYS A 173 -13.49 -6.87 -25.22
N TRP A 174 -13.52 -5.66 -24.66
CA TRP A 174 -14.24 -5.36 -23.43
C TRP A 174 -15.32 -4.30 -23.66
N VAL A 175 -15.83 -4.17 -24.88
CA VAL A 175 -16.86 -3.18 -25.16
C VAL A 175 -18.01 -3.30 -24.17
N SER A 176 -18.55 -4.51 -24.03
CA SER A 176 -19.70 -4.72 -23.14
C SER A 176 -19.40 -4.33 -21.70
N LEU A 177 -18.13 -4.34 -21.31
CA LEU A 177 -17.78 -3.92 -19.96
C LEU A 177 -17.76 -2.41 -19.84
N PHE A 178 -17.29 -1.70 -20.86
CA PHE A 178 -17.04 -0.28 -20.76
C PHE A 178 -18.22 0.58 -21.18
N GLU A 179 -19.17 0.03 -21.93
CA GLU A 179 -20.35 0.81 -22.29
C GLU A 179 -21.29 1.00 -21.12
N ASN A 180 -21.26 0.10 -20.15
CA ASN A 180 -22.10 0.18 -18.96
C ASN A 180 -21.27 -0.06 -17.70
N LEU A 181 -20.07 0.51 -17.65
CA LEU A 181 -19.22 0.45 -16.46
C LEU A 181 -19.71 1.53 -15.50
N LYS A 182 -20.67 1.16 -14.65
CA LYS A 182 -21.32 2.14 -13.79
C LYS A 182 -20.49 2.44 -12.55
N TYR A 183 -20.02 1.40 -11.85
CA TYR A 183 -19.31 1.56 -10.59
C TYR A 183 -17.89 1.04 -10.72
N ILE A 184 -16.99 1.64 -9.94
CA ILE A 184 -15.61 1.18 -9.82
C ILE A 184 -15.31 0.99 -8.35
N VAL A 185 -15.07 -0.25 -7.95
CA VAL A 185 -14.81 -0.60 -6.55
C VAL A 185 -13.31 -0.79 -6.37
N ILE A 186 -12.79 -0.26 -5.25
CA ILE A 186 -11.38 -0.38 -4.91
C ILE A 186 -11.28 -0.84 -3.46
N ASP A 187 -10.52 -1.90 -3.22
CA ASP A 187 -10.32 -2.47 -1.89
C ASP A 187 -8.94 -2.11 -1.37
N GLU A 188 -8.88 -1.72 -0.10
CA GLU A 188 -7.64 -1.30 0.55
C GLU A 188 -6.96 -0.19 -0.22
N LEU A 189 -7.45 1.04 -0.07
CA LEU A 189 -6.96 2.15 -0.88
C LEU A 189 -5.54 2.56 -0.49
N HIS A 190 -5.18 2.39 0.78
CA HIS A 190 -3.85 2.81 1.24
C HIS A 190 -2.73 2.00 0.61
N THR A 191 -3.02 0.79 0.12
CA THR A 191 -2.00 0.03 -0.59
C THR A 191 -1.59 0.73 -1.88
N TYR A 192 -2.48 1.54 -2.44
CA TYR A 192 -2.20 2.29 -3.67
C TYR A 192 -1.56 3.62 -3.27
N ARG A 193 -0.27 3.57 -2.97
CA ARG A 193 0.46 4.76 -2.58
C ARG A 193 1.88 4.66 -3.11
N GLY A 194 2.58 5.79 -3.08
CA GLY A 194 3.93 5.84 -3.60
C GLY A 194 3.94 5.66 -5.11
N VAL A 195 4.92 4.90 -5.59
CA VAL A 195 4.99 4.60 -7.02
C VAL A 195 3.78 3.79 -7.45
N PHE A 196 3.38 2.81 -6.63
CA PHE A 196 2.18 2.05 -6.92
C PHE A 196 0.97 2.97 -7.01
N GLY A 197 0.88 3.95 -6.11
CA GLY A 197 -0.23 4.88 -6.15
C GLY A 197 -0.24 5.71 -7.41
N SER A 198 0.92 6.26 -7.80
CA SER A 198 0.99 7.08 -9.00
C SER A 198 0.65 6.25 -10.24
N HIS A 199 1.21 5.05 -10.34
CA HIS A 199 0.95 4.20 -11.50
C HIS A 199 -0.52 3.80 -11.57
N VAL A 200 -1.12 3.45 -10.43
CA VAL A 200 -2.54 3.09 -10.44
C VAL A 200 -3.40 4.31 -10.78
N ALA A 201 -2.98 5.50 -10.34
CA ALA A 201 -3.71 6.71 -10.70
C ALA A 201 -3.67 6.94 -12.21
N ASN A 202 -2.52 6.70 -12.84
CA ASN A 202 -2.43 6.84 -14.29
C ASN A 202 -3.26 5.77 -15.00
N VAL A 203 -3.26 4.54 -14.47
CA VAL A 203 -4.08 3.48 -15.05
C VAL A 203 -5.55 3.83 -14.96
N ILE A 204 -5.97 4.46 -13.85
CA ILE A 204 -7.36 4.86 -13.71
C ILE A 204 -7.66 6.06 -14.59
N ARG A 205 -6.67 6.92 -14.85
CA ARG A 205 -6.83 7.96 -15.87
C ARG A 205 -7.17 7.33 -17.22
N ARG A 206 -6.38 6.33 -17.62
CA ARG A 206 -6.68 5.61 -18.87
C ARG A 206 -8.06 4.96 -18.82
N LEU A 207 -8.43 4.41 -17.67
CA LEU A 207 -9.72 3.75 -17.52
C LEU A 207 -10.87 4.74 -17.72
N LYS A 208 -10.78 5.89 -17.06
CA LYS A 208 -11.82 6.92 -17.22
C LYS A 208 -11.83 7.49 -18.63
N ARG A 209 -10.67 7.52 -19.29
CA ARG A 209 -10.64 7.95 -20.69
C ARG A 209 -11.39 6.98 -21.58
N ILE A 210 -11.16 5.68 -21.39
CA ILE A 210 -11.89 4.67 -22.17
C ILE A 210 -13.38 4.75 -21.86
N CYS A 211 -13.74 4.98 -20.60
CA CYS A 211 -15.15 5.12 -20.25
C CYS A 211 -15.76 6.37 -20.87
N ARG A 212 -14.99 7.45 -20.95
CA ARG A 212 -15.47 8.66 -21.62
C ARG A 212 -15.74 8.40 -23.09
N PHE A 213 -14.86 7.64 -23.74
CA PHE A 213 -15.14 7.26 -25.13
C PHE A 213 -16.39 6.42 -25.23
N TYR A 214 -16.52 5.42 -24.35
CA TYR A 214 -17.69 4.52 -24.40
C TYR A 214 -18.92 5.10 -23.73
N GLY A 215 -18.84 6.32 -23.18
CA GLY A 215 -19.99 6.97 -22.58
C GLY A 215 -20.54 6.26 -21.37
N SER A 216 -19.73 6.16 -20.31
CA SER A 216 -20.15 5.51 -19.08
C SER A 216 -19.25 5.92 -17.92
N ASP A 217 -19.43 7.13 -17.40
CA ASP A 217 -18.60 7.60 -16.30
C ASP A 217 -18.95 6.83 -15.04
N PRO A 218 -18.01 6.15 -14.40
CA PRO A 218 -18.34 5.35 -13.22
C PRO A 218 -18.15 6.11 -11.91
N VAL A 219 -18.99 5.84 -10.91
CA VAL A 219 -18.79 6.40 -9.57
C VAL A 219 -17.84 5.47 -8.81
N PHE A 220 -17.00 6.05 -7.96
CA PHE A 220 -15.91 5.33 -7.33
C PHE A 220 -16.23 5.03 -5.86
N ILE A 221 -16.02 3.79 -5.46
CA ILE A 221 -16.27 3.33 -4.10
C ILE A 221 -14.97 2.73 -3.58
N CYS A 222 -14.30 3.45 -2.68
CA CYS A 222 -12.99 3.04 -2.17
C CYS A 222 -13.08 2.67 -0.70
N THR A 223 -12.42 1.57 -0.34
CA THR A 223 -12.30 1.15 1.04
C THR A 223 -10.85 1.24 1.47
N SER A 224 -10.64 1.57 2.74
CA SER A 224 -9.30 1.74 3.28
C SER A 224 -9.26 1.44 4.77
N ALA A 225 -8.48 2.20 5.52
CA ALA A 225 -8.42 2.01 6.97
C ALA A 225 -7.96 3.32 7.62
N THR A 226 -7.31 3.22 8.78
CA THR A 226 -6.93 4.39 9.56
C THR A 226 -5.68 5.02 8.94
N ILE A 227 -5.86 6.12 8.21
CA ILE A 227 -4.76 6.94 7.74
C ILE A 227 -5.08 8.40 8.03
N ALA A 228 -4.06 9.25 7.94
CA ALA A 228 -4.22 10.64 8.32
C ALA A 228 -5.02 11.42 7.28
N ASN A 229 -4.89 11.08 6.00
CA ASN A 229 -5.53 11.81 4.92
C ASN A 229 -6.36 10.85 4.06
N PRO A 230 -7.42 10.27 4.61
CA PRO A 230 -8.24 9.34 3.80
C PRO A 230 -8.96 10.06 2.68
N LYS A 231 -9.67 11.14 3.01
CA LYS A 231 -10.36 11.92 1.99
C LYS A 231 -9.37 12.63 1.07
N GLU A 232 -8.27 13.14 1.63
CA GLU A 232 -7.28 13.81 0.81
C GLU A 232 -6.56 12.84 -0.13
N LEU A 233 -6.48 11.57 0.25
CA LEU A 233 -5.93 10.56 -0.65
C LEU A 233 -6.97 10.10 -1.67
N GLY A 234 -8.25 10.12 -1.32
CA GLY A 234 -9.28 9.75 -2.26
C GLY A 234 -9.58 10.81 -3.30
N GLU A 235 -9.40 12.08 -2.94
CA GLU A 235 -9.65 13.17 -3.88
C GLU A 235 -8.65 13.15 -5.04
N GLN A 236 -7.35 13.15 -4.72
CA GLN A 236 -6.32 13.23 -5.74
C GLN A 236 -6.38 12.05 -6.70
N LEU A 237 -6.80 10.89 -6.20
CA LEU A 237 -7.05 9.74 -7.04
C LEU A 237 -8.39 9.93 -7.75
N THR A 238 -8.33 10.04 -9.08
CA THR A 238 -9.42 10.32 -10.03
C THR A 238 -9.80 11.80 -10.05
N GLY A 239 -9.27 12.63 -9.16
CA GLY A 239 -9.62 14.04 -9.16
C GLY A 239 -11.07 14.30 -8.82
N LYS A 240 -11.68 13.46 -8.00
CA LYS A 240 -13.09 13.56 -7.65
C LYS A 240 -13.23 13.86 -6.16
N PRO A 241 -14.04 14.85 -5.77
CA PRO A 241 -14.18 15.23 -4.35
C PRO A 241 -15.11 14.27 -3.60
N MET A 242 -14.64 13.05 -3.40
CA MET A 242 -15.43 12.05 -2.69
C MET A 242 -15.47 12.36 -1.20
N ARG A 243 -16.53 11.88 -0.56
CA ARG A 243 -16.72 12.06 0.88
C ARG A 243 -16.28 10.82 1.63
N LEU A 244 -15.80 11.02 2.85
CA LEU A 244 -15.31 9.95 3.70
C LEU A 244 -16.35 9.61 4.76
N VAL A 245 -16.44 8.33 5.09
CA VAL A 245 -17.38 7.85 6.10
C VAL A 245 -16.58 7.33 7.28
N ASP A 246 -16.68 8.02 8.42
CA ASP A 246 -15.98 7.60 9.62
C ASP A 246 -16.76 6.52 10.38
N ASP A 247 -18.07 6.67 10.48
CA ASP A 247 -18.91 5.73 11.22
C ASP A 247 -19.00 4.39 10.50
N PRO A 251 -23.54 -0.25 20.26
CA PRO A 251 -22.28 0.08 20.93
C PRO A 251 -21.22 -1.01 20.78
N SER A 252 -21.66 -2.27 20.90
CA SER A 252 -20.79 -3.43 20.71
C SER A 252 -19.63 -3.47 21.71
N GLY A 253 -19.90 -3.01 22.93
CA GLY A 253 -18.94 -3.15 24.00
C GLY A 253 -17.70 -2.29 23.86
N ARG A 254 -16.68 -2.64 24.63
CA ARG A 254 -15.42 -1.91 24.69
C ARG A 254 -14.26 -2.89 24.65
N LYS A 255 -13.23 -2.53 23.90
CA LYS A 255 -12.07 -3.41 23.68
C LYS A 255 -10.88 -2.88 24.49
N HIS A 256 -10.20 -3.79 25.19
CA HIS A 256 -9.07 -3.42 26.02
C HIS A 256 -7.81 -3.26 25.18
N PHE A 257 -6.86 -2.48 25.72
CA PHE A 257 -5.60 -2.19 25.04
C PHE A 257 -4.44 -2.48 25.97
N VAL A 258 -3.40 -3.12 25.42
CA VAL A 258 -2.20 -3.46 26.17
C VAL A 258 -1.06 -2.54 25.74
N PHE A 259 -0.29 -2.04 26.73
CA PHE A 259 0.87 -1.18 26.50
C PHE A 259 2.00 -1.62 27.42
N TYR A 260 2.60 -2.76 27.12
CA TYR A 260 3.70 -3.30 27.91
C TYR A 260 4.77 -3.86 26.99
N ASN A 261 5.92 -4.18 27.59
CA ASN A 261 7.04 -4.72 26.83
C ASN A 261 7.91 -5.59 27.73
N PRO A 262 8.12 -6.86 27.40
CA PRO A 262 8.94 -7.73 28.24
C PRO A 262 10.41 -7.58 27.92
N PRO A 263 11.28 -7.55 28.94
CA PRO A 263 12.74 -7.44 28.75
C PRO A 263 13.39 -8.80 28.54
N ALA A 275 10.36 -12.59 22.15
CA ALA A 275 9.12 -12.20 21.51
C ALA A 275 8.29 -13.42 21.15
N THR A 276 8.89 -14.33 20.38
CA THR A 276 8.19 -15.54 19.95
C THR A 276 7.73 -16.37 21.15
N ALA A 277 8.68 -16.71 22.03
CA ALA A 277 8.34 -17.53 23.20
C ALA A 277 7.38 -16.83 24.13
N GLU A 278 7.49 -15.50 24.27
CA GLU A 278 6.59 -14.78 25.15
C GLU A 278 5.16 -14.76 24.60
N VAL A 279 5.02 -14.55 23.29
CA VAL A 279 3.70 -14.63 22.66
C VAL A 279 3.14 -16.05 22.80
N ASN A 280 4.01 -17.05 22.65
CA ASN A 280 3.57 -18.44 22.83
C ASN A 280 3.06 -18.67 24.25
N GLU A 281 3.75 -18.11 25.25
CA GLU A 281 3.33 -18.28 26.63
C GLU A 281 2.00 -17.57 26.90
N LEU A 282 1.82 -16.37 26.34
CA LEU A 282 0.54 -15.69 26.48
C LEU A 282 -0.59 -16.51 25.87
N ALA A 283 -0.36 -17.03 24.65
CA ALA A 283 -1.37 -17.84 23.99
C ALA A 283 -1.68 -19.10 24.77
N LYS A 284 -0.65 -19.72 25.37
CA LYS A 284 -0.88 -20.94 26.13
C LYS A 284 -1.62 -20.65 27.44
N GLU A 285 -1.39 -19.49 28.05
CA GLU A 285 -2.20 -19.09 29.20
C GLU A 285 -3.66 -18.95 28.79
N PHE A 286 -3.90 -18.24 27.68
CA PHE A 286 -5.27 -18.07 27.21
C PHE A 286 -5.94 -19.41 26.89
N LEU A 287 -5.18 -20.35 26.34
CA LEU A 287 -5.74 -21.65 25.98
C LEU A 287 -5.95 -22.54 27.19
N LYS A 288 -5.09 -22.43 28.21
CA LYS A 288 -5.35 -23.11 29.48
C LYS A 288 -6.61 -22.57 30.13
N ASN A 289 -6.86 -21.26 29.99
CA ASN A 289 -8.11 -20.69 30.45
C ASN A 289 -9.26 -20.89 29.46
N LYS A 290 -8.99 -21.50 28.30
CA LYS A 290 -10.00 -21.79 27.29
C LYS A 290 -10.63 -20.49 26.76
N VAL A 291 -9.77 -19.64 26.19
CA VAL A 291 -10.17 -18.37 25.61
C VAL A 291 -9.76 -18.36 24.15
N GLN A 292 -10.71 -18.02 23.27
CA GLN A 292 -10.46 -17.99 21.84
C GLN A 292 -9.41 -16.93 21.50
N THR A 293 -8.24 -17.37 21.07
CA THR A 293 -7.09 -16.50 20.87
C THR A 293 -6.61 -16.57 19.43
N ILE A 294 -6.11 -15.43 18.93
CA ILE A 294 -5.53 -15.35 17.60
C ILE A 294 -4.19 -14.61 17.72
N VAL A 295 -3.16 -15.17 17.09
CA VAL A 295 -1.85 -14.53 17.01
C VAL A 295 -1.60 -14.16 15.56
N PHE A 296 -0.78 -13.13 15.35
CA PHE A 296 -0.53 -12.59 14.01
C PHE A 296 0.96 -12.55 13.73
N ALA A 297 1.46 -13.62 13.11
CA ALA A 297 2.75 -13.60 12.44
C ALA A 297 2.51 -13.38 10.95
N ARG A 298 3.35 -12.54 10.34
CA ARG A 298 3.10 -12.12 8.96
C ARG A 298 3.86 -13.00 7.96
N SER A 299 5.18 -13.07 8.08
CA SER A 299 5.97 -13.88 7.16
C SER A 299 5.62 -15.35 7.31
N ARG A 300 5.45 -16.03 6.16
CA ARG A 300 5.00 -17.42 6.17
C ARG A 300 5.95 -18.32 6.94
N VAL A 301 7.26 -18.04 6.88
CA VAL A 301 8.23 -18.89 7.55
C VAL A 301 8.10 -18.75 9.07
N ARG A 302 8.00 -17.51 9.56
CA ARG A 302 7.76 -17.31 10.99
C ARG A 302 6.44 -17.93 11.42
N VAL A 303 5.41 -17.82 10.58
CA VAL A 303 4.15 -18.48 10.85
C VAL A 303 4.37 -19.98 11.04
N GLU A 304 5.11 -20.60 10.12
CA GLU A 304 5.34 -22.03 10.20
C GLU A 304 6.09 -22.41 11.48
N ILE A 305 7.10 -21.63 11.85
CA ILE A 305 7.90 -21.96 13.05
C ILE A 305 7.05 -21.84 14.31
N ILE A 306 6.46 -20.65 14.52
CA ILE A 306 5.69 -20.41 15.74
C ILE A 306 4.48 -21.34 15.80
N LEU A 307 3.87 -21.62 14.65
CA LEU A 307 2.73 -22.51 14.62
C LEU A 307 3.14 -23.95 14.82
N SER A 308 4.35 -24.34 14.43
CA SER A 308 4.84 -25.67 14.76
C SER A 308 4.96 -25.84 16.27
N HIS A 309 5.57 -24.86 16.93
CA HIS A 309 5.61 -24.86 18.39
C HIS A 309 4.22 -25.01 19.00
N ILE A 310 3.38 -23.99 18.76
CA ILE A 310 2.06 -23.93 19.34
C ILE A 310 1.23 -25.15 18.95
N GLN A 311 1.42 -25.67 17.74
CA GLN A 311 0.61 -26.76 17.24
C GLN A 311 0.97 -28.07 17.89
N GLU A 312 2.27 -28.41 17.96
CA GLU A 312 2.63 -29.62 18.68
C GLU A 312 2.10 -29.56 20.11
N LEU A 313 2.31 -28.42 20.79
CA LEU A 313 1.87 -28.32 22.18
C LEU A 313 0.35 -28.50 22.32
N VAL A 314 -0.42 -27.65 21.63
CA VAL A 314 -1.86 -27.62 21.81
C VAL A 314 -2.53 -28.86 21.22
N LYS A 315 -2.07 -29.31 20.06
CA LYS A 315 -2.61 -30.53 19.45
C LYS A 315 -2.38 -31.73 20.36
N LYS A 316 -1.25 -31.78 21.07
CA LYS A 316 -1.13 -32.80 22.09
C LYS A 316 -2.01 -32.50 23.30
N GLU A 317 -2.40 -31.24 23.50
CA GLU A 317 -3.29 -30.89 24.60
C GLU A 317 -4.76 -31.07 24.20
N ILE A 318 -5.15 -30.62 23.00
CA ILE A 318 -6.54 -30.71 22.57
C ILE A 318 -6.86 -31.97 21.78
N GLY A 319 -5.86 -32.81 21.52
CA GLY A 319 -6.09 -34.04 20.78
C GLY A 319 -6.05 -33.83 19.27
N ARG A 327 -3.65 -17.47 4.15
CA ARG A 327 -2.52 -16.81 3.52
C ARG A 327 -2.57 -16.96 2.00
N GLY A 328 -1.41 -16.80 1.35
CA GLY A 328 -1.38 -16.83 -0.10
C GLY A 328 -1.67 -18.21 -0.67
N GLY A 329 -0.96 -19.23 -0.19
CA GLY A 329 -1.09 -20.56 -0.73
C GLY A 329 -2.36 -21.29 -0.35
N TYR A 330 -3.30 -20.62 0.31
CA TYR A 330 -4.54 -21.24 0.73
C TYR A 330 -5.63 -21.06 -0.32
N LEU A 331 -6.54 -22.02 -0.37
CA LEU A 331 -7.58 -22.11 -1.38
C LEU A 331 -8.95 -21.76 -0.79
N PRO A 332 -9.90 -21.31 -1.63
CA PRO A 332 -11.19 -20.86 -1.08
C PRO A 332 -12.03 -21.98 -0.49
N LYS A 333 -11.90 -23.21 -0.98
CA LYS A 333 -12.68 -24.31 -0.43
C LYS A 333 -12.30 -24.58 1.02
N GLU A 334 -11.01 -24.81 1.26
CA GLU A 334 -10.54 -25.00 2.63
C GLU A 334 -10.71 -23.73 3.45
N ARG A 335 -10.68 -22.55 2.80
CA ARG A 335 -10.94 -21.31 3.50
C ARG A 335 -12.35 -21.30 4.09
N ARG A 336 -13.35 -21.64 3.27
CA ARG A 336 -14.72 -21.71 3.76
C ARG A 336 -14.90 -22.84 4.77
N GLU A 337 -14.14 -23.93 4.62
CA GLU A 337 -14.19 -25.00 5.61
C GLU A 337 -13.70 -24.51 6.97
N ILE A 338 -12.59 -23.75 6.97
CA ILE A 338 -12.08 -23.18 8.22
C ILE A 338 -13.03 -22.13 8.77
N GLU A 339 -13.70 -21.38 7.90
CA GLU A 339 -14.72 -20.43 8.35
C GLU A 339 -15.85 -21.16 9.07
N ARG A 340 -16.34 -22.25 8.47
CA ARG A 340 -17.35 -23.08 9.11
C ARG A 340 -16.87 -23.57 10.47
N GLY A 341 -15.65 -24.12 10.51
CA GLY A 341 -15.11 -24.61 11.77
C GLY A 341 -15.08 -23.51 12.84
N LEU A 342 -14.54 -22.35 12.48
CA LEU A 342 -14.36 -21.28 13.45
C LEU A 342 -15.71 -20.75 13.95
N ARG A 343 -16.68 -20.57 13.06
CA ARG A 343 -17.91 -19.90 13.46
C ARG A 343 -19.01 -20.85 13.92
N GLU A 344 -18.88 -22.17 13.69
CA GLU A 344 -19.91 -23.11 14.11
C GLU A 344 -19.33 -24.46 14.52
N GLY A 345 -18.12 -24.49 15.06
CA GLY A 345 -17.48 -25.73 15.45
C GLY A 345 -16.59 -25.58 16.66
N ASP A 346 -15.53 -26.40 16.71
CA ASP A 346 -14.66 -26.42 17.88
C ASP A 346 -13.66 -25.29 17.87
N ILE A 347 -12.95 -25.10 16.75
CA ILE A 347 -11.94 -24.06 16.66
C ILE A 347 -12.49 -22.85 15.92
N VAL A 360 -14.28 -11.01 4.69
CA VAL A 360 -15.20 -12.12 4.91
C VAL A 360 -15.42 -12.34 6.40
N ASP A 361 -16.68 -12.54 6.79
CA ASP A 361 -17.01 -12.82 8.18
C ASP A 361 -16.59 -14.25 8.53
N ILE A 362 -15.29 -14.50 8.56
CA ILE A 362 -14.78 -15.84 8.85
C ILE A 362 -15.08 -16.26 10.28
N GLY A 363 -15.34 -15.31 11.16
CA GLY A 363 -15.57 -15.60 12.56
C GLY A 363 -15.15 -14.44 13.43
N GLN A 364 -15.49 -14.55 14.71
CA GLN A 364 -15.22 -13.51 15.69
C GLN A 364 -14.36 -14.07 16.80
N LEU A 365 -13.23 -13.40 17.06
CA LEU A 365 -12.27 -13.84 18.04
C LEU A 365 -12.49 -13.12 19.38
N GLN A 366 -12.01 -13.76 20.45
CA GLN A 366 -12.20 -13.24 21.80
C GLN A 366 -11.04 -12.39 22.28
N VAL A 367 -9.86 -12.51 21.68
CA VAL A 367 -8.70 -11.71 22.07
C VAL A 367 -7.72 -11.72 20.90
N CYS A 368 -7.06 -10.59 20.69
CA CYS A 368 -6.14 -10.41 19.58
C CYS A 368 -4.71 -10.27 20.11
N VAL A 369 -3.81 -11.09 19.58
CA VAL A 369 -2.40 -11.06 19.92
C VAL A 369 -1.61 -10.74 18.66
N MET A 370 -0.68 -9.79 18.76
CA MET A 370 0.13 -9.36 17.62
C MET A 370 1.56 -9.84 17.80
N THR A 371 2.40 -9.47 16.82
CA THR A 371 3.83 -9.78 16.84
C THR A 371 4.56 -8.60 16.20
N GLY A 372 4.71 -7.53 16.98
CA GLY A 372 5.38 -6.34 16.51
C GLY A 372 4.51 -5.48 15.61
N TYR A 373 4.93 -4.24 15.44
CA TYR A 373 4.24 -3.30 14.58
C TYR A 373 4.35 -3.76 13.13
N PRO A 374 3.23 -4.05 12.45
CA PRO A 374 3.32 -4.65 11.10
C PRO A 374 3.70 -3.64 10.01
N GLY A 375 4.45 -2.61 10.37
CA GLY A 375 4.94 -1.66 9.38
C GLY A 375 3.85 -0.88 8.67
N SER A 376 2.70 -0.68 9.33
CA SER A 376 1.61 0.10 8.75
C SER A 376 0.59 0.45 9.82
N VAL A 377 0.22 1.73 9.89
CA VAL A 377 -0.82 2.16 10.84
C VAL A 377 -2.14 1.49 10.51
N ALA A 378 -2.45 1.38 9.21
CA ALA A 378 -3.72 0.78 8.80
C ALA A 378 -3.75 -0.72 9.07
N SER A 379 -2.63 -1.40 8.79
CA SER A 379 -2.60 -2.86 8.95
C SER A 379 -2.76 -3.27 10.40
N ALA A 380 -2.16 -2.51 11.33
CA ALA A 380 -2.30 -2.82 12.74
C ALA A 380 -3.74 -2.67 13.20
N TRP A 381 -4.38 -1.55 12.84
CA TRP A 381 -5.78 -1.35 13.19
C TRP A 381 -6.66 -2.43 12.59
N GLN A 382 -6.37 -2.86 11.36
CA GLN A 382 -7.19 -3.89 10.72
C GLN A 382 -7.03 -5.23 11.43
N GLN A 383 -5.79 -5.65 11.68
CA GLN A 383 -5.55 -6.91 12.37
C GLN A 383 -6.08 -6.88 13.80
N ALA A 384 -6.20 -5.70 14.40
CA ALA A 384 -6.86 -5.59 15.69
C ALA A 384 -8.37 -5.72 15.55
N GLY A 385 -8.94 -5.10 14.52
CA GLY A 385 -10.36 -5.18 14.27
C GLY A 385 -10.85 -6.52 13.77
N ARG A 386 -9.93 -7.42 13.39
CA ARG A 386 -10.34 -8.77 13.02
C ARG A 386 -11.07 -9.47 14.17
N ALA A 387 -10.75 -9.11 15.41
CA ALA A 387 -11.40 -9.66 16.59
C ALA A 387 -12.46 -8.70 17.12
N GLY A 388 -13.51 -9.26 17.69
CA GLY A 388 -14.58 -8.46 18.25
C GLY A 388 -15.84 -9.26 18.52
N ARG A 389 -16.65 -8.80 19.46
CA ARG A 389 -17.87 -9.48 19.86
C ARG A 389 -19.06 -8.53 19.73
N ARG A 390 -20.26 -9.10 19.81
CA ARG A 390 -21.50 -8.33 19.76
C ARG A 390 -21.90 -7.99 21.20
N HIS A 391 -21.85 -6.70 21.53
CA HIS A 391 -22.13 -6.22 22.89
C HIS A 391 -21.27 -6.93 23.92
N GLY A 392 -19.97 -7.10 23.61
CA GLY A 392 -19.06 -7.76 24.50
C GLY A 392 -17.72 -7.05 24.52
N GLU A 393 -16.84 -7.53 25.40
CA GLU A 393 -15.52 -6.96 25.58
C GLU A 393 -14.45 -7.94 25.12
N SER A 394 -13.32 -7.40 24.66
CA SER A 394 -12.18 -8.20 24.23
C SER A 394 -10.91 -7.40 24.47
N LEU A 395 -9.77 -7.99 24.13
CA LEU A 395 -8.47 -7.42 24.45
C LEU A 395 -7.59 -7.40 23.21
N ILE A 396 -6.73 -6.39 23.14
CA ILE A 396 -5.70 -6.27 22.12
C ILE A 396 -4.34 -6.15 22.80
N MET A 398 -0.05 -6.15 21.77
CA MET A 398 1.06 -6.09 20.82
C MET A 398 2.40 -6.02 21.56
N VAL A 399 3.30 -6.94 21.22
CA VAL A 399 4.60 -7.06 21.86
C VAL A 399 5.67 -6.66 20.85
N ALA A 400 6.57 -5.77 21.27
CA ALA A 400 7.65 -5.31 20.42
C ALA A 400 8.82 -6.30 20.45
N ASN A 401 9.90 -5.95 19.76
CA ASN A 401 11.10 -6.79 19.71
C ASN A 401 12.31 -5.88 19.82
N SER A 402 13.50 -6.47 19.63
CA SER A 402 14.76 -5.72 19.70
C SER A 402 14.94 -4.93 18.40
N THR A 403 14.16 -3.86 18.29
CA THR A 403 14.17 -3.01 17.11
C THR A 403 13.76 -1.61 17.55
N PRO A 404 14.51 -0.57 17.16
CA PRO A 404 14.13 0.79 17.55
C PRO A 404 12.76 1.23 17.04
N ILE A 405 12.28 0.65 15.94
CA ILE A 405 11.00 1.09 15.38
C ILE A 405 9.84 0.58 16.23
N ASP A 406 9.89 -0.70 16.62
CA ASP A 406 8.85 -1.25 17.48
C ASP A 406 8.89 -0.63 18.87
N GLN A 407 10.10 -0.45 19.41
CA GLN A 407 10.22 0.25 20.69
C GLN A 407 9.72 1.69 20.58
N TYR A 408 9.88 2.31 19.42
CA TYR A 408 9.37 3.68 19.24
C TYR A 408 7.86 3.71 19.19
N ILE A 409 7.24 2.79 18.46
CA ILE A 409 5.78 2.75 18.42
C ILE A 409 5.21 2.33 19.77
N VAL A 410 6.02 1.64 20.59
CA VAL A 410 5.60 1.37 21.97
C VAL A 410 5.65 2.65 22.80
N ARG A 411 6.77 3.37 22.73
CA ARG A 411 6.92 4.60 23.51
C ARG A 411 6.13 5.77 22.92
N HIS A 412 5.38 5.55 21.84
CA HIS A 412 4.54 6.59 21.24
C HIS A 412 3.13 6.04 21.03
N PRO A 413 2.33 5.90 22.09
CA PRO A 413 0.93 5.53 21.93
C PRO A 413 0.01 6.71 21.66
N GLU A 414 0.56 7.92 21.54
CA GLU A 414 -0.23 9.13 21.31
C GLU A 414 -0.84 9.20 19.91
N TYR A 415 -0.64 8.18 19.07
CA TYR A 415 -1.19 8.16 17.72
C TYR A 415 -2.47 7.34 17.64
N PHE A 416 -3.07 6.98 18.78
CA PHE A 416 -4.19 6.07 18.82
C PHE A 416 -5.49 6.69 19.32
N PHE A 417 -5.45 7.85 19.97
CA PHE A 417 -6.70 8.49 20.38
C PHE A 417 -7.46 9.04 19.19
N ASN A 418 -6.75 9.37 18.11
CA ASN A 418 -7.37 9.68 16.83
C ASN A 418 -6.41 9.22 15.73
N ARG A 419 -6.63 9.71 14.51
CA ARG A 419 -5.76 9.35 13.41
C ARG A 419 -4.38 9.97 13.59
N SER A 420 -3.37 9.33 12.99
CA SER A 420 -2.00 9.83 13.07
C SER A 420 -1.63 10.61 11.82
N ILE A 426 0.95 8.81 -4.99
CA ILE A 426 0.73 9.99 -4.17
C ILE A 426 0.84 11.25 -5.03
N ASN A 427 1.67 11.19 -6.06
CA ASN A 427 1.89 12.33 -6.96
C ASN A 427 1.91 11.83 -8.40
N PRO A 428 0.79 11.93 -9.11
CA PRO A 428 0.78 11.56 -10.53
C PRO A 428 1.51 12.54 -11.43
N GLU A 429 2.03 13.64 -10.88
CA GLU A 429 2.73 14.66 -11.67
C GLU A 429 4.15 14.26 -12.04
N ASN A 430 4.55 13.01 -11.79
CA ASN A 430 5.86 12.53 -12.20
C ASN A 430 5.87 12.36 -13.72
N LEU A 431 6.78 13.08 -14.39
CA LEU A 431 6.75 13.16 -15.84
C LEU A 431 7.14 11.84 -16.51
N ILE A 432 7.95 11.02 -15.85
CA ILE A 432 8.40 9.76 -16.46
C ILE A 432 7.25 8.77 -16.55
N ILE A 433 6.53 8.57 -15.44
CA ILE A 433 5.35 7.72 -15.46
C ILE A 433 4.31 8.29 -16.41
N LEU A 434 4.23 9.62 -16.49
CA LEU A 434 3.32 10.27 -17.43
C LEU A 434 3.66 9.89 -18.86
N VAL A 435 4.94 9.90 -19.22
CA VAL A 435 5.35 9.54 -20.58
C VAL A 435 5.06 8.06 -20.85
N ASP A 436 5.34 7.20 -19.88
CA ASP A 436 5.06 5.78 -20.04
C ASP A 436 3.58 5.54 -20.33
N HIS A 437 2.71 6.11 -19.49
CA HIS A 437 1.29 5.92 -19.68
C HIS A 437 0.75 6.69 -20.89
N LEU A 438 1.46 7.73 -21.34
CA LEU A 438 1.10 8.37 -22.60
C LEU A 438 1.33 7.43 -23.77
N LYS A 439 2.47 6.74 -23.77
CA LYS A 439 2.72 5.73 -24.79
C LYS A 439 1.65 4.65 -24.74
N CYS A 440 1.34 4.16 -23.53
CA CYS A 440 0.32 3.12 -23.38
C CYS A 440 -1.04 3.60 -23.90
N ALA A 441 -1.45 4.81 -23.52
CA ALA A 441 -2.75 5.33 -23.94
C ALA A 441 -2.79 5.55 -25.45
N ALA A 442 -1.72 6.09 -26.03
CA ALA A 442 -1.66 6.27 -27.47
C ALA A 442 -1.76 4.94 -28.19
N TYR A 443 -1.25 3.86 -27.60
CA TYR A 443 -1.46 2.54 -28.19
C TYR A 443 -2.92 2.11 -28.08
N GLU A 444 -3.52 2.29 -26.91
CA GLU A 444 -4.85 1.74 -26.68
C GLU A 444 -5.98 2.66 -27.11
N LEU A 445 -5.73 3.96 -27.28
CA LEU A 445 -6.80 4.88 -27.69
C LEU A 445 -6.22 6.19 -28.23
N PRO A 446 -6.63 6.61 -29.42
CA PRO A 446 -6.08 7.86 -29.98
C PRO A 446 -6.56 9.08 -29.19
N PHE A 447 -5.65 10.04 -29.03
CA PHE A 447 -5.97 11.25 -28.28
C PHE A 447 -6.63 12.30 -29.17
N ARG A 448 -7.31 13.25 -28.53
CA ARG A 448 -7.83 14.44 -29.20
C ARG A 448 -7.65 15.62 -28.26
N ALA A 449 -7.00 16.67 -28.74
CA ALA A 449 -6.66 17.83 -27.91
C ALA A 449 -7.75 18.89 -28.06
N ASP A 450 -8.81 18.74 -27.25
CA ASP A 450 -9.90 19.70 -27.25
C ASP A 450 -10.76 19.57 -26.00
N GLU A 451 -10.42 18.65 -25.10
CA GLU A 451 -11.19 18.49 -23.88
C GLU A 451 -10.28 18.03 -22.74
N GLU A 452 -10.62 18.47 -21.53
CA GLU A 452 -9.91 18.07 -20.32
C GLU A 452 -10.72 18.54 -19.12
N PHE A 453 -10.53 17.85 -17.99
CA PHE A 453 -11.17 18.22 -16.73
C PHE A 453 -10.28 19.09 -15.87
N GLY A 454 -8.96 18.99 -16.02
CA GLY A 454 -8.02 19.73 -15.21
C GLY A 454 -6.84 18.88 -14.79
N ALA A 455 -6.55 17.85 -15.59
CA ALA A 455 -5.47 16.92 -15.31
C ALA A 455 -4.25 17.27 -16.18
N MET A 456 -3.40 16.27 -16.43
CA MET A 456 -2.18 16.47 -17.21
C MET A 456 -2.47 16.15 -18.67
N GLU A 457 -2.45 17.17 -19.52
CA GLU A 457 -2.56 17.00 -20.96
C GLU A 457 -2.14 18.28 -21.69
N VAL A 458 -0.86 18.61 -21.61
CA VAL A 458 -0.29 19.69 -22.40
C VAL A 458 0.13 19.11 -23.75
N SER A 459 -0.56 19.54 -24.82
CA SER A 459 -0.40 18.89 -26.11
C SER A 459 1.01 19.03 -26.66
N ASP A 460 1.68 20.15 -26.39
CA ASP A 460 3.04 20.34 -26.89
C ASP A 460 3.98 19.30 -26.30
N ILE A 461 3.82 19.00 -25.01
CA ILE A 461 4.59 17.91 -24.40
C ILE A 461 4.10 16.57 -24.91
N LEU A 462 2.80 16.44 -25.15
CA LEU A 462 2.27 15.21 -25.73
C LEU A 462 2.64 15.03 -27.20
N GLU A 463 3.41 15.94 -27.78
CA GLU A 463 3.74 15.86 -29.20
C GLU A 463 5.24 15.70 -29.49
N TYR A 464 6.11 15.85 -28.49
CA TYR A 464 7.52 15.57 -28.78
C TYR A 464 7.78 14.07 -28.92
N LEU A 465 6.82 13.22 -28.56
CA LEU A 465 6.91 11.78 -28.80
C LEU A 465 6.82 11.54 -30.29
N GLN A 466 7.98 11.36 -30.92
CA GLN A 466 8.06 11.20 -32.37
C GLN A 466 8.82 9.91 -32.69
N GLU A 467 9.35 9.83 -33.90
CA GLU A 467 10.11 8.66 -34.34
C GLU A 467 11.52 8.71 -33.79
N GLU A 468 12.26 7.62 -34.02
CA GLU A 468 13.67 7.51 -33.65
C GLU A 468 14.42 6.99 -34.87
N ALA A 469 15.27 7.84 -35.45
CA ALA A 469 16.05 7.45 -36.62
C ALA A 469 17.11 6.41 -36.25
N VAL A 470 18.09 6.81 -35.45
CA VAL A 470 19.13 5.90 -35.01
C VAL A 470 19.24 5.91 -33.48
N ASN A 474 13.33 7.85 -24.24
CA ASN A 474 12.93 6.97 -25.32
C ASN A 474 11.55 7.31 -25.85
N GLY A 475 11.44 7.50 -27.16
CA GLY A 475 10.18 7.77 -27.81
C GLY A 475 9.37 6.52 -28.04
N GLU A 476 8.37 6.65 -28.91
CA GLU A 476 7.50 5.52 -29.21
C GLU A 476 8.24 4.50 -30.08
N ARG A 477 7.74 3.27 -30.05
CA ARG A 477 8.35 2.13 -30.74
C ARG A 477 7.31 1.56 -31.71
N TYR A 478 7.16 2.20 -32.86
CA TYR A 478 6.21 1.76 -33.88
C TYR A 478 6.72 0.44 -34.47
N HIS A 479 6.43 -0.64 -33.74
CA HIS A 479 6.90 -1.97 -34.09
C HIS A 479 5.82 -2.75 -34.80
N TRP A 480 6.20 -3.46 -35.86
CA TRP A 480 5.31 -4.40 -36.53
C TRP A 480 5.60 -5.84 -36.16
N ALA A 481 6.55 -6.07 -35.25
CA ALA A 481 6.80 -7.39 -34.70
C ALA A 481 5.70 -7.69 -33.66
N SER A 482 5.85 -8.81 -32.95
CA SER A 482 4.85 -9.23 -31.99
C SER A 482 5.34 -9.23 -30.54
N GLU A 483 6.63 -9.46 -30.32
CA GLU A 483 7.14 -9.45 -28.94
C GLU A 483 7.22 -8.04 -28.40
N SER A 484 7.63 -7.08 -29.24
CA SER A 484 7.67 -5.69 -28.82
C SER A 484 6.27 -5.19 -28.49
N PHE A 485 6.18 -4.31 -27.50
CA PHE A 485 4.90 -3.83 -27.00
C PHE A 485 5.10 -2.45 -26.41
N PRO A 486 4.06 -1.60 -26.42
CA PRO A 486 4.19 -0.30 -25.74
C PRO A 486 4.24 -0.44 -24.22
N ALA A 487 3.37 -1.27 -23.65
CA ALA A 487 3.43 -1.49 -22.20
C ALA A 487 4.73 -2.19 -21.82
N SER A 488 5.06 -3.29 -22.52
CA SER A 488 6.35 -3.97 -22.41
C SER A 488 6.87 -4.07 -20.98
N ASN A 489 7.83 -3.23 -20.65
CA ASN A 489 8.53 -3.27 -19.37
C ASN A 489 7.93 -2.33 -18.33
N ILE A 490 6.90 -1.56 -18.69
CA ILE A 490 6.28 -0.66 -17.72
C ILE A 490 5.63 -1.49 -16.63
N SER A 491 6.44 -1.99 -15.70
CA SER A 491 5.95 -2.74 -14.55
C SER A 491 5.65 -1.74 -13.44
N LEU A 492 4.36 -1.59 -13.11
CA LEU A 492 3.91 -0.54 -12.21
C LEU A 492 4.06 -0.89 -10.73
N ARG A 493 4.53 -2.10 -10.42
CA ARG A 493 4.55 -2.53 -9.02
C ARG A 493 5.61 -1.80 -8.21
N SER A 494 6.69 -1.33 -8.85
CA SER A 494 7.72 -0.59 -8.13
C SER A 494 8.61 0.22 -9.07
N ALA A 495 7.99 0.97 -9.97
CA ALA A 495 8.70 1.86 -10.90
C ALA A 495 9.70 1.08 -11.75
N SER A 496 9.34 -0.15 -12.10
CA SER A 496 10.27 -1.07 -12.74
C SER A 496 10.41 -0.76 -14.24
N GLN A 497 10.93 0.44 -14.51
CA GLN A 497 11.42 0.74 -15.86
C GLN A 497 12.62 -0.15 -16.18
N GLU A 498 13.68 -0.03 -15.37
CA GLU A 498 14.78 -1.00 -15.35
C GLU A 498 15.25 -1.09 -13.91
N ASN A 499 14.99 -2.22 -13.26
CA ASN A 499 15.33 -2.39 -11.85
C ASN A 499 15.63 -3.86 -11.56
N VAL A 500 16.03 -4.12 -10.31
CA VAL A 500 16.57 -5.41 -9.89
C VAL A 500 15.45 -6.33 -9.42
N VAL A 501 15.62 -7.63 -9.66
CA VAL A 501 14.72 -8.66 -9.17
C VAL A 501 15.49 -9.55 -8.22
N ILE A 502 14.86 -9.94 -7.11
CA ILE A 502 15.50 -10.67 -6.02
C ILE A 502 15.20 -12.15 -6.15
N VAL A 503 16.24 -12.98 -6.08
CA VAL A 503 16.13 -14.43 -6.19
C VAL A 503 16.79 -15.04 -4.97
N ASP A 504 16.04 -15.87 -4.25
CA ASP A 504 16.52 -16.53 -3.05
C ASP A 504 17.25 -17.83 -3.45
N GLN A 505 18.53 -17.91 -3.12
CA GLN A 505 19.35 -19.07 -3.43
C GLN A 505 19.60 -19.95 -2.21
N SER A 506 18.65 -19.98 -1.28
CA SER A 506 18.81 -20.80 -0.08
C SER A 506 18.78 -22.28 -0.44
N ASP A 507 17.72 -22.73 -1.12
CA ASP A 507 17.59 -24.10 -1.56
C ASP A 507 17.23 -24.12 -3.04
N ILE A 508 17.78 -25.10 -3.75
CA ILE A 508 17.57 -25.17 -5.20
C ILE A 508 16.13 -25.58 -5.51
N ALA A 509 15.64 -26.61 -4.82
CA ALA A 509 14.25 -27.04 -4.97
C ALA A 509 13.33 -25.88 -4.64
N ASN A 510 12.60 -25.39 -5.66
CA ASN A 510 11.80 -24.17 -5.56
C ASN A 510 12.68 -22.98 -5.17
N VAL A 511 13.53 -22.59 -6.12
CA VAL A 511 14.36 -21.40 -5.96
C VAL A 511 13.45 -20.18 -6.00
N ARG A 512 13.14 -19.65 -4.82
CA ARG A 512 12.08 -18.66 -4.67
C ARG A 512 12.56 -17.30 -5.18
N ILE A 513 11.89 -16.80 -6.22
CA ILE A 513 12.07 -15.42 -6.66
C ILE A 513 11.05 -14.57 -5.91
N ILE A 514 11.54 -13.60 -5.14
CA ILE A 514 10.68 -12.92 -4.18
C ILE A 514 10.45 -11.46 -4.56
N GLY A 515 11.44 -10.61 -4.34
CA GLY A 515 11.26 -9.17 -4.38
C GLY A 515 11.84 -8.51 -5.62
N GLU A 516 11.51 -7.23 -5.75
CA GLU A 516 12.03 -6.36 -6.79
C GLU A 516 12.29 -4.99 -6.18
N MET A 517 13.30 -4.30 -6.71
CA MET A 517 13.74 -3.06 -6.09
C MET A 517 14.35 -2.14 -7.14
N ASP A 518 14.13 -0.84 -6.98
CA ASP A 518 14.59 0.16 -7.92
C ASP A 518 16.12 0.19 -7.98
N ARG A 519 16.65 0.98 -8.91
CA ARG A 519 18.11 1.11 -9.04
C ARG A 519 18.73 1.69 -7.78
N PHE A 520 18.32 2.89 -7.40
CA PHE A 520 18.89 3.55 -6.23
C PHE A 520 18.53 2.82 -4.95
N SER A 521 17.32 2.23 -4.88
CA SER A 521 16.94 1.47 -3.71
C SER A 521 17.81 0.23 -3.55
N ALA A 522 18.13 -0.43 -4.67
CA ALA A 522 19.04 -1.58 -4.61
C ALA A 522 20.45 -1.14 -4.26
N MET A 523 20.87 0.03 -4.74
CA MET A 523 22.16 0.56 -4.33
C MET A 523 22.20 0.78 -2.82
N THR A 524 21.10 1.26 -2.24
CA THR A 524 21.06 1.52 -0.81
C THR A 524 20.99 0.22 0.01
N LEU A 525 20.25 -0.77 -0.48
CA LEU A 525 19.95 -1.97 0.30
C LEU A 525 20.65 -3.20 -0.24
N LEU A 526 20.33 -3.62 -1.47
CA LEU A 526 20.69 -4.94 -1.98
C LEU A 526 22.12 -5.06 -2.47
N HIS A 527 22.97 -4.12 -2.07
CA HIS A 527 24.36 -4.15 -2.51
C HIS A 527 25.02 -5.47 -2.10
N ASP A 528 26.04 -5.87 -2.85
CA ASP A 528 26.63 -7.20 -2.67
C ASP A 528 27.17 -7.35 -1.25
N GLU A 529 26.80 -8.47 -0.62
CA GLU A 529 27.13 -8.76 0.78
C GLU A 529 26.60 -7.64 1.70
N ALA A 530 25.29 -7.67 1.87
CA ALA A 530 24.56 -6.70 2.70
C ALA A 530 23.78 -7.43 3.78
N ILE A 531 22.98 -6.68 4.52
CA ILE A 531 22.14 -7.23 5.58
C ILE A 531 20.69 -6.98 5.22
N TYR A 532 20.13 -7.81 4.34
CA TYR A 532 18.77 -7.60 3.86
C TYR A 532 17.77 -8.23 4.84
N LEU A 533 16.76 -7.46 5.21
CA LEU A 533 15.68 -7.92 6.07
C LEU A 533 14.37 -7.82 5.31
N HIS A 534 13.77 -8.97 4.99
CA HIS A 534 12.54 -9.03 4.22
C HIS A 534 11.46 -9.69 5.06
N GLU A 535 10.64 -8.87 5.72
CA GLU A 535 9.47 -9.31 6.48
C GLU A 535 9.87 -10.32 7.56
N GLY A 536 10.50 -9.79 8.61
CA GLY A 536 10.85 -10.57 9.78
C GLY A 536 11.78 -11.73 9.54
N VAL A 537 12.25 -11.90 8.31
CA VAL A 537 13.15 -12.99 7.94
C VAL A 537 14.46 -12.39 7.47
N GLN A 538 15.56 -12.86 8.04
CA GLN A 538 16.87 -12.35 7.69
C GLN A 538 17.35 -12.93 6.38
N TYR A 539 18.13 -12.15 5.64
CA TYR A 539 18.68 -12.57 4.36
C TYR A 539 20.09 -12.00 4.22
N GLN A 540 20.82 -12.51 3.23
CA GLN A 540 22.20 -12.09 2.98
C GLN A 540 22.44 -12.14 1.47
N VAL A 541 22.85 -11.00 0.91
CA VAL A 541 23.04 -10.88 -0.53
C VAL A 541 24.30 -11.62 -0.94
N GLU A 542 24.16 -12.60 -1.83
CA GLU A 542 25.34 -13.29 -2.36
C GLU A 542 25.97 -12.52 -3.52
N LYS A 543 25.14 -12.00 -4.43
CA LYS A 543 25.64 -11.37 -5.64
C LYS A 543 24.57 -10.42 -6.18
N LEU A 544 24.99 -9.49 -7.03
CA LEU A 544 24.07 -8.59 -7.71
C LEU A 544 24.60 -8.33 -9.12
N ASP A 545 24.03 -9.00 -10.11
CA ASP A 545 24.28 -8.69 -11.50
C ASP A 545 23.71 -7.30 -11.79
N TRP A 546 24.57 -6.30 -11.78
CA TRP A 546 24.12 -4.92 -11.94
C TRP A 546 23.88 -4.56 -13.41
N ASP A 547 24.59 -5.21 -14.33
CA ASP A 547 24.39 -4.95 -15.75
C ASP A 547 23.12 -5.59 -16.30
N HIS A 548 22.51 -6.53 -15.56
CA HIS A 548 21.22 -7.08 -15.94
C HIS A 548 20.22 -7.04 -14.78
N LYS A 549 20.59 -6.42 -13.66
CA LYS A 549 19.68 -6.17 -12.55
C LYS A 549 19.09 -7.46 -11.99
N LYS A 550 19.90 -8.19 -11.23
CA LYS A 550 19.45 -9.46 -10.64
C LYS A 550 20.21 -9.67 -9.34
N ALA A 551 19.53 -9.57 -8.22
CA ALA A 551 20.13 -9.84 -6.91
C ALA A 551 19.91 -11.31 -6.56
N TYR A 552 20.98 -11.99 -6.17
CA TYR A 552 20.92 -13.35 -5.67
C TYR A 552 21.29 -13.32 -4.20
N VAL A 553 20.35 -13.74 -3.35
CA VAL A 553 20.50 -13.61 -1.91
C VAL A 553 20.46 -15.00 -1.28
N ARG A 554 20.87 -15.05 -0.01
CA ARG A 554 20.84 -16.27 0.79
C ARG A 554 20.18 -15.96 2.13
N LYS A 555 19.25 -16.82 2.55
CA LYS A 555 18.56 -16.62 3.82
C LYS A 555 19.42 -17.12 4.96
N VAL A 556 19.59 -16.29 5.99
CA VAL A 556 20.41 -16.62 7.15
C VAL A 556 19.52 -16.64 8.38
N ASP A 557 19.83 -17.54 9.31
CA ASP A 557 19.18 -17.59 10.62
C ASP A 557 20.10 -17.14 11.74
N VAL A 558 21.40 -17.03 11.49
CA VAL A 558 22.33 -16.60 12.53
C VAL A 558 22.16 -15.13 12.86
N GLU A 559 21.61 -14.34 11.93
CA GLU A 559 21.33 -12.91 12.10
C GLU A 559 22.39 -12.15 12.89
N ASP A 563 23.92 -2.64 8.33
CA ASP A 563 23.58 -1.31 7.85
C ASP A 563 24.16 -1.07 6.46
N ALA A 564 24.12 0.18 6.02
CA ALA A 564 24.66 0.57 4.72
C ALA A 564 24.86 2.07 4.70
N ASN A 565 25.65 2.53 3.73
CA ASN A 565 25.95 3.95 3.59
C ASN A 565 26.22 4.27 2.13
N LEU A 566 26.11 5.56 1.80
CA LEU A 566 26.50 6.12 0.51
C LEU A 566 26.30 7.63 0.51
N ALA A 567 27.18 8.37 -0.16
CA ALA A 567 27.09 9.82 -0.18
C ALA A 567 27.93 10.36 -1.33
N VAL A 568 27.45 11.47 -1.93
CA VAL A 568 28.14 12.15 -3.02
C VAL A 568 27.47 13.50 -3.24
N GLN A 569 27.88 14.23 -4.28
CA GLN A 569 27.45 15.60 -4.48
C GLN A 569 25.97 15.65 -4.89
N LEU A 570 25.51 16.85 -5.25
CA LEU A 570 24.11 17.10 -5.56
C LEU A 570 24.01 18.43 -6.31
N LYS A 571 22.93 18.58 -7.08
CA LYS A 571 22.66 19.82 -7.78
C LYS A 571 21.19 20.18 -7.61
N VAL A 572 20.87 21.45 -7.81
CA VAL A 572 19.51 21.95 -7.63
C VAL A 572 18.93 22.33 -8.99
N LEU A 573 17.60 22.50 -9.01
CA LEU A 573 16.91 22.88 -10.23
C LEU A 573 16.00 24.07 -9.99
N GLU A 574 14.88 23.86 -9.30
CA GLU A 574 13.89 24.91 -9.11
C GLU A 574 13.21 24.73 -7.76
N ILE A 575 12.41 25.72 -7.38
CA ILE A 575 11.65 25.71 -6.13
C ILE A 575 10.25 26.23 -6.44
N ASP A 576 9.25 25.36 -6.34
CA ASP A 576 7.87 25.78 -6.57
C ASP A 576 7.14 26.16 -5.29
N LYS A 577 7.74 25.93 -4.12
CA LYS A 577 7.17 26.31 -2.83
C LYS A 577 8.31 26.71 -1.91
N THR A 578 8.37 27.99 -1.57
CA THR A 578 9.45 28.54 -0.75
C THR A 578 8.86 29.32 0.42
N LYS A 579 9.71 29.55 1.43
CA LYS A 579 9.31 30.30 2.62
C LYS A 579 10.45 31.22 3.04
N GLU A 580 10.15 32.09 4.01
CA GLU A 580 11.16 32.97 4.60
C GLU A 580 10.86 33.27 6.07
N LYS A 581 10.28 32.30 6.79
CA LYS A 581 9.77 32.55 8.13
C LYS A 581 10.91 32.53 9.15
N SER A 582 11.17 33.67 9.76
CA SER A 582 12.11 33.81 10.89
C SER A 582 13.46 33.18 10.57
N ARG A 583 14.12 33.74 9.55
CA ARG A 583 15.46 33.32 9.13
C ARG A 583 15.48 31.91 8.56
N THR A 584 14.63 31.03 9.07
CA THR A 584 14.57 29.64 8.63
C THR A 584 13.67 29.55 7.40
N SER A 585 14.28 29.57 6.22
CA SER A 585 13.53 29.44 4.98
C SER A 585 13.28 27.97 4.67
N LEU A 586 12.03 27.64 4.35
CA LEU A 586 11.64 26.28 4.03
C LEU A 586 11.27 26.21 2.54
N HIS A 587 12.01 25.42 1.79
CA HIS A 587 11.82 25.30 0.35
C HIS A 587 11.32 23.92 -0.02
N TYR A 588 10.54 23.86 -1.10
CA TYR A 588 10.18 22.62 -1.77
C TYR A 588 10.28 22.85 -3.26
N GLY A 589 10.92 21.94 -3.97
CA GLY A 589 11.09 22.10 -5.40
C GLY A 589 11.60 20.86 -6.09
N ASP A 590 12.37 21.04 -7.16
CA ASP A 590 12.97 19.95 -7.91
C ASP A 590 14.49 20.12 -7.90
N VAL A 591 15.19 19.00 -7.80
CA VAL A 591 16.66 18.96 -7.79
C VAL A 591 17.12 17.73 -8.56
N THR A 592 18.44 17.64 -8.75
CA THR A 592 19.08 16.51 -9.41
C THR A 592 20.29 16.07 -8.59
N VAL A 593 20.33 14.79 -8.26
CA VAL A 593 21.35 14.23 -7.39
C VAL A 593 22.15 13.17 -8.15
N ASN A 594 23.31 12.83 -7.61
CA ASN A 594 24.14 11.74 -8.10
C ASN A 594 24.24 10.67 -7.02
N ALA A 595 25.03 9.63 -7.29
CA ALA A 595 25.18 8.52 -6.36
C ALA A 595 26.62 8.06 -6.32
N LEU A 596 26.95 7.30 -5.27
CA LEU A 596 28.25 6.66 -5.07
C LEU A 596 28.16 5.75 -3.85
N PRO A 597 28.39 4.44 -4.00
CA PRO A 597 28.15 3.52 -2.88
C PRO A 597 29.05 3.74 -1.68
N THR A 598 30.30 4.16 -1.89
CA THR A 598 31.26 4.39 -0.81
C THR A 598 31.48 3.13 0.02
N ILE A 599 30.89 3.07 1.21
CA ILE A 599 31.06 1.96 2.15
C ILE A 599 29.70 1.60 2.73
N PHE A 600 29.70 0.61 3.63
CA PHE A 600 28.50 0.21 4.34
C PHE A 600 28.87 -0.19 5.76
N LYS A 601 27.94 0.00 6.69
CA LYS A 601 28.15 -0.30 8.09
C LYS A 601 27.53 -1.66 8.45
N LYS A 602 27.33 -1.91 9.73
CA LYS A 602 26.75 -3.16 10.20
C LYS A 602 25.71 -2.89 11.28
N SER A 613 31.19 -2.10 7.34
CA SER A 613 32.63 -2.23 7.53
C SER A 613 33.32 -2.73 6.26
N GLY A 614 32.87 -2.21 5.12
CA GLY A 614 33.44 -2.60 3.85
C GLY A 614 33.10 -1.63 2.73
N PRO A 615 34.03 -1.45 1.80
CA PRO A 615 33.77 -0.56 0.66
C PRO A 615 33.15 -1.30 -0.52
N ILE A 616 32.60 -0.52 -1.44
CA ILE A 616 31.97 -1.06 -2.64
C ILE A 616 31.83 0.07 -3.66
N HIS A 617 32.08 -0.27 -4.92
CA HIS A 617 31.89 0.64 -6.04
C HIS A 617 30.83 0.06 -6.98
N LEU A 618 30.10 0.95 -7.66
CA LEU A 618 29.05 0.55 -8.57
C LEU A 618 28.80 1.69 -9.55
N PRO A 619 28.56 1.41 -10.83
CA PRO A 619 28.28 2.49 -11.77
C PRO A 619 27.04 3.28 -11.35
N GLU A 620 27.10 4.59 -11.55
CA GLU A 620 26.11 5.51 -11.01
C GLU A 620 25.38 6.25 -12.13
N GLU A 621 24.26 6.87 -11.76
CA GLU A 621 23.49 7.71 -12.67
C GLU A 621 22.77 8.77 -11.86
N GLU A 622 22.50 9.90 -12.51
CA GLU A 622 21.83 11.00 -11.84
C GLU A 622 20.36 10.67 -11.61
N LEU A 623 19.68 11.56 -10.89
CA LEU A 623 18.30 11.33 -10.48
C LEU A 623 17.63 12.68 -10.26
N HIS A 624 16.62 12.99 -11.06
CA HIS A 624 15.90 14.25 -10.97
C HIS A 624 14.58 14.01 -10.28
N THR A 625 14.36 14.68 -9.15
CA THR A 625 13.14 14.46 -8.37
C THR A 625 12.88 15.68 -7.50
N SER A 626 11.68 15.72 -6.94
CA SER A 626 11.32 16.78 -6.02
C SER A 626 11.98 16.56 -4.66
N ALA A 627 12.04 17.64 -3.88
CA ALA A 627 12.77 17.63 -2.62
C ALA A 627 12.27 18.78 -1.76
N ALA A 628 12.04 18.49 -0.48
CA ALA A 628 11.66 19.49 0.50
C ALA A 628 12.78 19.61 1.53
N TRP A 629 13.35 20.82 1.66
CA TRP A 629 14.47 21.05 2.55
C TRP A 629 14.29 22.39 3.24
N LEU A 630 15.19 22.67 4.17
CA LEU A 630 15.17 23.93 4.91
C LEU A 630 16.53 24.63 4.82
N GLU A 641 31.97 24.79 13.24
CA GLU A 641 32.04 24.33 11.85
C GLU A 641 31.80 22.83 11.77
N LYS A 642 32.81 22.04 12.15
CA LYS A 642 32.65 20.59 12.14
C LYS A 642 31.76 20.12 13.28
N THR A 643 31.75 20.86 14.40
CA THR A 643 30.75 20.60 15.44
C THR A 643 29.35 20.88 14.90
N LEU A 644 29.20 21.93 14.08
CA LEU A 644 27.93 22.17 13.40
C LEU A 644 27.59 21.04 12.43
N GLU A 645 28.60 20.46 11.78
CA GLU A 645 28.33 19.33 10.89
C GLU A 645 27.84 18.12 11.68
N GLN A 646 28.43 17.88 12.86
CA GLN A 646 27.94 16.81 13.72
C GLN A 646 26.52 17.09 14.21
N LEU A 647 26.22 18.36 14.50
CA LEU A 647 24.87 18.74 14.89
C LEU A 647 23.88 18.47 13.76
N LEU A 648 24.27 18.80 12.53
CA LEU A 648 23.42 18.51 11.38
C LEU A 648 23.27 17.01 11.16
N LEU A 649 24.31 16.24 11.47
CA LEU A 649 24.19 14.78 11.39
C LEU A 649 23.18 14.26 12.40
N GLY A 650 23.20 14.82 13.62
CA GLY A 650 22.18 14.45 14.60
C GLY A 650 20.78 14.83 14.15
N ILE A 651 20.64 16.02 13.56
CA ILE A 651 19.37 16.44 12.99
C ILE A 651 18.92 15.45 11.91
N SER A 652 19.86 15.00 11.08
CA SER A 652 19.54 14.06 10.02
C SER A 652 19.10 12.71 10.59
N ASN A 653 19.72 12.28 11.68
CA ASN A 653 19.28 11.05 12.34
C ASN A 653 17.86 11.19 12.87
N VAL A 654 17.59 12.32 13.55
CA VAL A 654 16.24 12.59 14.05
C VAL A 654 15.23 12.51 12.92
N LEU A 655 15.53 13.18 11.81
CA LEU A 655 14.61 13.19 10.67
C LEU A 655 14.44 11.81 10.06
N GLN A 656 15.55 11.09 9.87
CA GLN A 656 15.49 9.76 9.28
C GLN A 656 14.67 8.81 10.15
N HIS A 657 14.62 9.05 11.45
CA HIS A 657 13.83 8.19 12.32
C HIS A 657 12.42 8.72 12.62
N ILE A 658 12.12 9.96 12.27
CA ILE A 658 10.79 10.51 12.53
C ILE A 658 9.92 10.56 11.28
N VAL A 659 10.50 10.84 10.11
CA VAL A 659 9.73 11.11 8.90
C VAL A 659 8.96 9.88 8.41
N PRO A 660 9.57 8.68 8.35
CA PRO A 660 8.79 7.51 7.89
C PRO A 660 7.55 7.25 8.72
N VAL A 661 7.52 7.64 9.99
CA VAL A 661 6.35 7.42 10.83
C VAL A 661 5.16 8.20 10.28
N TYR A 662 5.34 9.52 10.12
CA TYR A 662 4.23 10.36 9.71
C TYR A 662 3.89 10.22 8.23
N ILE A 663 4.89 9.98 7.37
CA ILE A 663 4.57 9.77 5.97
C ILE A 663 4.02 8.36 5.72
N MET A 664 4.25 7.43 6.64
CA MET A 664 3.84 6.03 6.50
C MET A 664 4.36 5.44 5.19
N CYS A 665 5.68 5.30 5.14
CA CYS A 665 6.36 4.68 4.02
C CYS A 665 7.50 3.82 4.57
N ASP A 666 8.24 3.20 3.67
CA ASP A 666 9.41 2.43 4.09
C ASP A 666 10.47 3.36 4.67
N ARG A 667 11.23 2.83 5.63
CA ARG A 667 12.27 3.64 6.27
C ARG A 667 13.35 4.05 5.27
N ASN A 668 13.60 3.23 4.26
CA ASN A 668 14.60 3.50 3.24
C ASN A 668 13.99 3.98 1.93
N ASP A 669 12.85 4.68 2.00
CA ASP A 669 12.34 5.39 0.83
C ASP A 669 13.12 6.69 0.69
N VAL A 670 12.63 7.77 1.29
CA VAL A 670 13.37 9.02 1.25
C VAL A 670 14.64 8.90 2.11
N HIS A 671 15.62 9.73 1.79
CA HIS A 671 16.90 9.73 2.46
C HIS A 671 17.26 11.15 2.86
N VAL A 672 17.63 11.33 4.12
CA VAL A 672 18.13 12.63 4.59
C VAL A 672 19.58 12.78 4.11
N VAL A 673 19.96 14.03 3.83
CA VAL A 673 21.30 14.31 3.34
C VAL A 673 22.34 14.02 4.42
N LYS A 677 28.75 23.82 4.00
CA LYS A 677 27.87 24.75 3.32
C LYS A 677 27.38 24.22 1.98
N ALA A 678 26.14 24.56 1.63
CA ALA A 678 25.54 24.16 0.37
C ALA A 678 25.73 25.27 -0.66
N ALA A 679 26.20 24.91 -1.86
CA ALA A 679 26.50 25.90 -2.89
C ALA A 679 25.25 26.53 -3.48
N HIS A 680 24.07 26.00 -3.20
CA HIS A 680 22.84 26.57 -3.75
C HIS A 680 22.57 27.96 -3.17
N THR A 681 22.45 28.05 -1.85
CA THR A 681 22.19 29.32 -1.18
C THR A 681 23.38 29.83 -0.38
N GLY A 682 24.51 29.11 -0.38
CA GLY A 682 25.69 29.52 0.35
C GLY A 682 25.82 28.94 1.74
N LEU A 683 24.79 28.27 2.24
CA LEU A 683 24.80 27.70 3.58
C LEU A 683 23.96 26.44 3.58
N PRO A 684 24.17 25.54 4.54
CA PRO A 684 23.37 24.29 4.60
C PRO A 684 21.88 24.54 4.77
N PHE A 687 17.90 17.89 4.09
CA PHE A 687 17.67 18.04 2.65
C PHE A 687 16.91 16.82 2.12
N LEU A 688 15.66 16.67 2.56
CA LEU A 688 14.85 15.54 2.16
C LEU A 688 14.55 15.59 0.66
N TYR A 689 14.78 14.47 -0.02
CA TYR A 689 14.46 14.33 -1.43
C TYR A 689 13.75 13.00 -1.66
N ASP A 690 12.91 12.96 -2.68
CA ASP A 690 12.19 11.75 -3.01
C ASP A 690 13.15 10.68 -3.54
N HIS A 691 12.80 9.42 -3.29
CA HIS A 691 13.67 8.31 -3.67
C HIS A 691 13.60 8.06 -5.17
N TYR A 692 12.39 7.87 -5.69
CA TYR A 692 12.06 7.42 -7.04
C TYR A 692 11.98 8.62 -7.98
N PRO A 693 12.43 8.45 -9.22
CA PRO A 693 12.54 9.60 -10.14
C PRO A 693 11.21 10.30 -10.34
N GLY A 694 11.16 11.57 -9.93
CA GLY A 694 9.96 12.37 -10.00
C GLY A 694 9.30 12.55 -8.64
N GLY A 695 8.42 13.53 -8.57
CA GLY A 695 7.71 13.78 -7.33
C GLY A 695 6.78 12.62 -7.00
N ILE A 696 6.83 12.16 -5.75
CA ILE A 696 6.02 11.04 -5.30
C ILE A 696 5.27 11.43 -4.03
N GLY A 697 5.05 12.73 -3.83
CA GLY A 697 4.38 13.22 -2.65
C GLY A 697 5.19 13.15 -1.38
N LEU A 698 6.29 12.40 -1.36
CA LEU A 698 7.11 12.27 -0.16
C LEU A 698 7.74 13.59 0.25
N ALA A 699 7.62 14.63 -0.56
CA ALA A 699 8.09 15.97 -0.23
C ALA A 699 6.97 16.98 -0.09
N GLU A 700 5.90 16.85 -0.87
CA GLU A 700 4.78 17.78 -0.73
C GLU A 700 3.99 17.50 0.55
N GLU A 701 3.89 16.24 0.96
CA GLU A 701 3.29 15.95 2.26
C GLU A 701 4.11 16.55 3.39
N VAL A 702 5.44 16.53 3.25
CA VAL A 702 6.30 17.21 4.22
C VAL A 702 6.05 18.70 4.21
N PHE A 703 5.93 19.29 3.01
CA PHE A 703 5.58 20.71 2.91
C PHE A 703 4.29 21.00 3.66
N LYS A 704 3.30 20.11 3.56
CA LYS A 704 2.02 20.34 4.22
C LYS A 704 2.13 20.21 5.73
N ARG A 705 2.83 19.17 6.21
CA ARG A 705 2.77 18.80 7.63
C ARG A 705 4.07 19.08 8.38
N PHE A 706 4.94 19.95 7.85
CA PHE A 706 6.22 20.19 8.50
C PHE A 706 6.07 20.87 9.86
N SER A 707 5.03 21.68 10.05
CA SER A 707 4.82 22.31 11.35
C SER A 707 4.58 21.27 12.43
N ASP A 708 3.63 20.35 12.18
CA ASP A 708 3.37 19.28 13.13
C ASP A 708 4.55 18.33 13.24
N ILE A 709 5.30 18.13 12.14
CA ILE A 709 6.50 17.28 12.21
C ILE A 709 7.53 17.90 13.13
N ASN A 710 7.73 19.22 13.04
CA ASN A 710 8.69 19.90 13.91
C ASN A 710 8.23 19.88 15.36
N GLU A 711 6.92 20.05 15.59
CA GLU A 711 6.40 19.97 16.96
C GLU A 711 6.61 18.58 17.55
N ALA A 712 6.31 17.54 16.77
CA ALA A 712 6.54 16.17 17.23
C ALA A 712 8.02 15.90 17.44
N ALA A 713 8.89 16.50 16.62
CA ALA A 713 10.32 16.35 16.84
C ALA A 713 10.76 17.01 18.13
N LYS A 714 10.21 18.19 18.44
CA LYS A 714 10.45 18.82 19.73
C LYS A 714 10.08 17.87 20.87
N GLN A 715 8.83 17.38 20.85
CA GLN A 715 8.38 16.52 21.94
C GLN A 715 9.17 15.21 22.00
N LEU A 716 9.65 14.72 20.86
CA LEU A 716 10.41 13.48 20.85
C LEU A 716 11.80 13.68 21.43
N ILE A 717 12.50 14.73 20.99
CA ILE A 717 13.84 14.95 21.51
C ILE A 717 13.79 15.33 22.98
N THR A 718 12.68 15.90 23.44
CA THR A 718 12.56 16.20 24.87
C THR A 718 12.25 14.94 25.67
N HIS A 719 11.18 14.23 25.32
CA HIS A 719 10.72 13.07 26.07
C HIS A 719 11.39 11.77 25.64
N CYS A 720 12.68 11.83 25.28
CA CYS A 720 13.36 10.57 24.94
C CYS A 720 14.05 10.02 26.18
N PRO A 721 13.80 8.75 26.54
CA PRO A 721 14.44 8.19 27.74
C PRO A 721 15.93 7.99 27.56
N CYS A 722 16.69 9.07 27.75
CA CYS A 722 18.13 9.04 27.56
C CYS A 722 18.74 10.25 28.27
N HIS A 723 19.97 10.60 27.89
CA HIS A 723 20.69 11.75 28.43
C HIS A 723 21.07 12.66 27.27
N ASP A 724 20.19 13.62 26.97
CA ASP A 724 20.42 14.61 25.92
C ASP A 724 20.64 13.95 24.55
N GLY A 725 19.87 12.89 24.27
CA GLY A 725 19.96 12.23 23.00
C GLY A 725 20.25 10.75 23.09
N CYS A 726 19.33 9.91 22.57
CA CYS A 726 19.45 8.46 22.56
C CYS A 726 20.02 7.99 21.22
N PRO A 727 20.71 6.84 21.22
CA PRO A 727 21.18 6.29 19.94
C PRO A 727 20.07 6.00 18.95
N SER A 728 18.84 5.79 19.43
CA SER A 728 17.69 5.59 18.56
C SER A 728 17.05 6.89 18.10
N CYS A 729 17.53 8.03 18.58
CA CYS A 729 17.02 9.33 18.14
C CYS A 729 18.10 10.23 17.57
N ILE A 730 19.29 10.24 18.16
CA ILE A 730 20.39 11.06 17.65
C ILE A 730 21.57 10.23 17.17
N GLY A 731 21.75 9.01 17.66
CA GLY A 731 22.86 8.17 17.24
C GLY A 731 24.20 8.62 17.80
N LYS A 738 24.93 20.15 26.33
CA LYS A 738 23.47 20.18 26.24
C LYS A 738 23.03 20.30 24.78
N ALA A 739 23.55 19.39 23.95
CA ALA A 739 23.24 19.41 22.52
C ALA A 739 21.76 19.23 22.27
N LYS A 740 21.06 18.51 23.14
CA LYS A 740 19.62 18.31 22.97
C LYS A 740 18.87 19.63 23.01
N GLU A 741 18.98 20.36 24.12
CA GLU A 741 18.28 21.63 24.23
C GLU A 741 18.87 22.68 23.29
N ARG A 742 20.14 22.56 22.92
CA ARG A 742 20.69 23.47 21.91
C ARG A 742 20.00 23.26 20.56
N ILE A 743 19.85 22.00 20.13
CA ILE A 743 19.09 21.69 18.92
C ILE A 743 17.67 22.23 19.05
N LEU A 744 17.05 22.01 20.21
CA LEU A 744 15.66 22.42 20.41
C LEU A 744 15.50 23.93 20.27
N GLN A 745 16.36 24.70 20.93
CA GLN A 745 16.27 26.16 20.87
C GLN A 745 16.74 26.71 19.52
N LEU A 746 17.52 25.93 18.76
CA LEU A 746 17.86 26.35 17.41
C LEU A 746 16.68 26.17 16.46
N LEU A 747 16.00 25.02 16.54
CA LEU A 747 14.85 24.78 15.69
C LEU A 747 13.62 25.52 16.22
#